data_1B4U
#
_entry.id   1B4U
#
_cell.length_a   65.400
_cell.length_b   66.500
_cell.length_c   119.800
_cell.angle_alpha   90.00
_cell.angle_beta   92.50
_cell.angle_gamma   90.00
#
_symmetry.space_group_name_H-M   'P 1 21 1'
#
loop_
_entity.id
_entity.type
_entity.pdbx_description
1 polymer 'PROTOCATECHUATE 4,5-DIOXYGENASE'
2 polymer 'PROTOCATECHUATE 4,5-DIOXYGENASE'
3 non-polymer 'FE (III) ION'
4 non-polymer '3,4-DIHYDROXYBENZOIC ACID'
5 water water
#
loop_
_entity_poly.entity_id
_entity_poly.type
_entity_poly.pdbx_seq_one_letter_code
_entity_poly.pdbx_strand_id
1 'polypeptide(L)'
;MTEKKERIDVHAYLAEFDDIPGTRVFTAQRARKGYNLNQFAMSLMKAENRERFKADESAYLDEWNLTPAAKAAVLARDYN
AMIDEGGNVYFLSKLFSTDGKSFQFAAGSMTGMTQEEYAQMMIDGGRSPAGVRSIKGGY
;
A,C
2 'polypeptide(L)'
;MARVTTGITSSHIPALGAAIQTGTSDNDYWGPVFKGYQPIRDWIKQPGNMPDVVILVYNDHASAFDMNIIPTFAIGCAET
FKPADEGWGPRPVPDVKGHPDLAWHIAQSLILDEFDMTIMNQMDVDHGCTVPLSMIFGEPEEWPCKVIPFPVNVVTYPPP
SGKRCFALGDSIRAAVESFPEDLNVHVWGTGGMSHQLQGPRAGLINKEFDLNFIDKLISDPEELSKMPHIQYLRESGSEG
VELVMWLIMRGALPEKVRDLYTFYHIPASNTALGAMILQPEETAGTPLEPRKVMSGHSLAQA
;
B,D
#
# COMPACT_ATOMS: atom_id res chain seq x y z
N ILE A 8 -11.41 10.65 -15.45
CA ILE A 8 -11.45 11.92 -14.70
C ILE A 8 -12.74 12.00 -13.88
N ASP A 9 -13.89 11.71 -14.46
CA ASP A 9 -15.13 11.73 -13.70
C ASP A 9 -15.39 10.37 -13.06
N VAL A 10 -15.23 10.28 -11.73
CA VAL A 10 -15.48 9.00 -11.07
C VAL A 10 -16.90 8.50 -11.31
N HIS A 11 -17.87 9.42 -11.33
CA HIS A 11 -19.28 9.04 -11.40
C HIS A 11 -19.62 8.40 -12.75
N ALA A 12 -19.24 9.07 -13.82
CA ALA A 12 -19.34 8.51 -15.15
C ALA A 12 -18.53 7.22 -15.29
N TYR A 13 -17.31 7.16 -14.73
CA TYR A 13 -16.56 5.90 -14.78
C TYR A 13 -17.35 4.80 -14.10
N LEU A 14 -18.03 4.98 -12.98
CA LEU A 14 -18.77 3.89 -12.36
C LEU A 14 -20.06 3.56 -13.09
N ALA A 15 -20.69 4.55 -13.72
CA ALA A 15 -22.02 4.32 -14.31
C ALA A 15 -21.95 3.40 -15.53
N GLU A 16 -20.84 3.41 -16.30
CA GLU A 16 -20.84 2.53 -17.47
C GLU A 16 -20.88 1.08 -16.99
N PHE A 17 -20.39 0.71 -15.83
CA PHE A 17 -20.42 -0.68 -15.37
C PHE A 17 -21.82 -1.25 -15.28
N ASP A 18 -22.83 -0.44 -15.09
CA ASP A 18 -24.20 -0.88 -15.01
C ASP A 18 -24.75 -1.37 -16.35
N ASP A 19 -24.16 -1.04 -17.48
CA ASP A 19 -24.75 -1.47 -18.76
C ASP A 19 -24.24 -2.88 -19.17
N ILE A 20 -23.42 -3.49 -18.30
CA ILE A 20 -22.87 -4.78 -18.74
C ILE A 20 -23.79 -5.90 -18.30
N PRO A 21 -24.32 -6.73 -19.17
CA PRO A 21 -25.23 -7.78 -18.74
C PRO A 21 -24.61 -8.83 -17.84
N GLY A 22 -25.33 -9.27 -16.80
CA GLY A 22 -25.08 -10.53 -16.10
C GLY A 22 -23.78 -10.38 -15.29
N THR A 23 -23.41 -9.10 -15.02
CA THR A 23 -22.09 -8.92 -14.42
C THR A 23 -22.26 -7.85 -13.34
N ARG A 24 -21.70 -8.08 -12.15
CA ARG A 24 -21.64 -7.11 -11.07
C ARG A 24 -20.21 -6.76 -10.78
N VAL A 25 -19.73 -5.57 -11.20
CA VAL A 25 -18.33 -5.19 -10.97
C VAL A 25 -18.07 -4.77 -9.53
N PHE A 26 -17.04 -5.26 -8.90
CA PHE A 26 -16.71 -5.07 -7.51
C PHE A 26 -16.26 -3.64 -7.25
N THR A 27 -17.20 -2.71 -7.25
CA THR A 27 -17.00 -1.34 -6.97
C THR A 27 -17.06 -1.11 -5.46
N ALA A 28 -16.57 0.01 -4.98
CA ALA A 28 -16.67 0.53 -3.65
C ALA A 28 -17.97 0.26 -2.88
N GLN A 29 -19.08 0.57 -3.50
CA GLN A 29 -20.39 0.41 -2.92
C GLN A 29 -20.65 -1.09 -2.64
N ARG A 30 -20.24 -1.99 -3.55
CA ARG A 30 -20.38 -3.40 -3.25
C ARG A 30 -19.39 -3.80 -2.19
N ALA A 31 -18.21 -3.22 -2.14
CA ALA A 31 -17.18 -3.69 -1.22
C ALA A 31 -17.64 -3.35 0.22
N ARG A 32 -18.26 -2.18 0.37
CA ARG A 32 -18.63 -1.79 1.75
C ARG A 32 -19.82 -2.66 2.20
N LYS A 33 -20.71 -2.93 1.27
CA LYS A 33 -21.82 -3.83 1.54
C LYS A 33 -21.34 -5.22 1.93
N GLY A 34 -20.27 -5.73 1.27
CA GLY A 34 -20.02 -7.18 1.44
C GLY A 34 -18.97 -7.38 2.52
N TYR A 35 -18.57 -6.30 3.22
CA TYR A 35 -17.32 -6.38 4.00
C TYR A 35 -17.28 -7.58 4.93
N ASN A 36 -18.33 -7.79 5.73
CA ASN A 36 -18.39 -8.86 6.72
C ASN A 36 -18.48 -10.23 6.05
N LEU A 37 -19.23 -10.32 4.99
CA LEU A 37 -19.33 -11.57 4.19
C LEU A 37 -18.04 -11.99 3.51
N ASN A 38 -17.28 -11.03 2.94
CA ASN A 38 -15.95 -11.33 2.39
C ASN A 38 -14.88 -11.61 3.45
N GLN A 39 -14.90 -11.01 4.61
CA GLN A 39 -13.96 -11.31 5.69
C GLN A 39 -14.32 -12.66 6.30
N PHE A 40 -15.61 -12.96 6.36
CA PHE A 40 -15.99 -14.37 6.77
C PHE A 40 -15.22 -15.38 5.93
N ALA A 41 -15.39 -15.24 4.61
CA ALA A 41 -14.83 -16.18 3.61
C ALA A 41 -13.32 -16.26 3.73
N MET A 42 -12.67 -15.13 4.03
CA MET A 42 -11.24 -15.11 4.26
C MET A 42 -10.81 -15.97 5.43
N SER A 43 -11.59 -16.02 6.51
CA SER A 43 -11.21 -16.85 7.68
C SER A 43 -11.09 -18.33 7.31
N LEU A 44 -11.63 -18.79 6.21
CA LEU A 44 -11.53 -20.19 5.84
C LEU A 44 -10.21 -20.59 5.20
N MET A 45 -9.31 -19.67 4.93
CA MET A 45 -7.93 -20.00 4.70
C MET A 45 -7.24 -20.75 5.81
N LYS A 46 -7.68 -20.59 7.05
CA LYS A 46 -7.06 -21.33 8.16
C LYS A 46 -7.80 -22.66 8.36
N ALA A 47 -7.09 -23.78 8.37
CA ALA A 47 -7.74 -25.10 8.45
C ALA A 47 -8.59 -25.27 9.71
N GLU A 48 -8.12 -24.79 10.84
CA GLU A 48 -8.86 -24.77 12.10
C GLU A 48 -10.23 -24.11 11.90
N ASN A 49 -10.33 -22.99 11.16
CA ASN A 49 -11.59 -22.35 10.91
C ASN A 49 -12.44 -23.18 9.95
N ARG A 50 -11.79 -23.88 9.01
CA ARG A 50 -12.59 -24.64 8.03
C ARG A 50 -13.35 -25.73 8.74
N GLU A 51 -12.60 -26.43 9.62
CA GLU A 51 -13.17 -27.58 10.30
C GLU A 51 -14.23 -27.15 11.32
N ARG A 52 -14.11 -26.01 11.95
CA ARG A 52 -15.12 -25.54 12.91
C ARG A 52 -16.36 -25.11 12.15
N PHE A 53 -16.13 -24.45 10.97
CA PHE A 53 -17.25 -23.99 10.16
C PHE A 53 -18.06 -25.21 9.67
N LYS A 54 -17.39 -26.26 9.18
CA LYS A 54 -18.07 -27.40 8.63
C LYS A 54 -18.77 -28.15 9.82
N ALA A 55 -18.25 -28.06 11.05
CA ALA A 55 -18.90 -28.83 12.11
C ALA A 55 -20.26 -28.19 12.40
N ASP A 56 -20.45 -26.91 12.21
CA ASP A 56 -21.73 -26.27 12.45
C ASP A 56 -21.78 -24.91 11.80
N GLU A 57 -22.24 -24.86 10.55
CA GLU A 57 -22.17 -23.65 9.73
C GLU A 57 -22.84 -22.46 10.39
N SER A 58 -24.12 -22.67 10.75
CA SER A 58 -24.95 -21.62 11.34
C SER A 58 -24.34 -21.04 12.57
N ALA A 59 -23.69 -21.79 13.45
CA ALA A 59 -23.10 -21.13 14.66
C ALA A 59 -21.88 -20.36 14.22
N TYR A 60 -21.11 -20.93 13.26
CA TYR A 60 -19.90 -20.17 12.82
C TYR A 60 -20.36 -18.88 12.18
N LEU A 61 -21.35 -19.02 11.26
CA LEU A 61 -21.78 -17.80 10.59
C LEU A 61 -22.24 -16.71 11.57
N ASP A 62 -22.84 -17.12 12.73
CA ASP A 62 -23.35 -16.11 13.66
C ASP A 62 -22.27 -15.28 14.32
N GLU A 63 -21.01 -15.65 14.32
CA GLU A 63 -19.94 -14.77 14.74
C GLU A 63 -19.56 -13.70 13.74
N TRP A 64 -20.11 -13.60 12.53
CA TRP A 64 -19.62 -12.61 11.58
C TRP A 64 -20.66 -11.53 11.41
N ASN A 65 -21.84 -11.59 12.04
CA ASN A 65 -22.67 -10.37 11.89
C ASN A 65 -23.10 -10.17 10.44
N LEU A 66 -23.51 -11.20 9.71
CA LEU A 66 -24.02 -11.04 8.36
C LEU A 66 -25.47 -10.58 8.39
N THR A 67 -26.04 -9.87 7.45
CA THR A 67 -27.45 -9.71 7.30
C THR A 67 -28.08 -11.11 7.11
N PRO A 68 -29.40 -11.20 7.33
CA PRO A 68 -30.06 -12.45 7.18
C PRO A 68 -29.96 -12.94 5.74
N ALA A 69 -30.05 -12.01 4.77
CA ALA A 69 -29.93 -12.34 3.37
C ALA A 69 -28.53 -12.89 3.09
N ALA A 70 -27.55 -12.38 3.80
CA ALA A 70 -26.16 -12.89 3.47
C ALA A 70 -25.95 -14.29 4.04
N LYS A 71 -26.41 -14.48 5.29
CA LYS A 71 -26.26 -15.78 5.99
C LYS A 71 -27.09 -16.82 5.22
N ALA A 72 -28.26 -16.49 4.73
CA ALA A 72 -29.12 -17.47 4.08
C ALA A 72 -28.47 -17.85 2.74
N ALA A 73 -27.82 -16.88 2.12
CA ALA A 73 -27.10 -17.06 0.87
C ALA A 73 -25.94 -18.04 1.11
N VAL A 74 -25.22 -17.88 2.21
CA VAL A 74 -24.16 -18.84 2.48
C VAL A 74 -24.67 -20.27 2.64
N LEU A 75 -25.65 -20.48 3.53
CA LEU A 75 -26.19 -21.74 3.94
C LEU A 75 -26.80 -22.41 2.72
N ALA A 76 -27.42 -21.67 1.80
CA ALA A 76 -27.97 -22.24 0.59
C ALA A 76 -26.87 -22.38 -0.47
N ARG A 77 -25.65 -21.92 -0.24
CA ARG A 77 -24.60 -21.97 -1.28
C ARG A 77 -25.13 -21.36 -2.60
N ASP A 78 -25.78 -20.24 -2.49
CA ASP A 78 -26.27 -19.55 -3.70
C ASP A 78 -25.32 -18.39 -3.98
N TYR A 79 -24.33 -18.65 -4.86
CA TYR A 79 -23.24 -17.72 -5.18
C TYR A 79 -23.82 -16.47 -5.79
N ASN A 80 -24.84 -16.56 -6.66
CA ASN A 80 -25.45 -15.34 -7.14
C ASN A 80 -26.05 -14.49 -6.01
N ALA A 81 -26.77 -15.16 -5.05
CA ALA A 81 -27.25 -14.28 -3.96
C ALA A 81 -26.08 -13.71 -3.16
N MET A 82 -25.02 -14.46 -2.93
CA MET A 82 -23.90 -13.94 -2.16
C MET A 82 -23.26 -12.72 -2.84
N ILE A 83 -23.13 -12.80 -4.18
CA ILE A 83 -22.62 -11.62 -4.90
C ILE A 83 -23.56 -10.44 -4.80
N ASP A 84 -24.87 -10.69 -4.84
CA ASP A 84 -25.82 -9.61 -4.62
C ASP A 84 -25.61 -8.91 -3.26
N GLU A 85 -25.20 -9.60 -2.23
CA GLU A 85 -25.01 -8.98 -0.92
C GLU A 85 -23.59 -8.44 -0.84
N GLY A 86 -22.82 -8.30 -1.94
CA GLY A 86 -21.53 -7.61 -1.81
C GLY A 86 -20.44 -8.67 -1.77
N GLY A 87 -20.76 -9.94 -2.01
CA GLY A 87 -19.72 -10.97 -2.06
C GLY A 87 -18.82 -10.81 -3.31
N ASN A 88 -17.56 -11.14 -3.20
CA ASN A 88 -16.63 -11.09 -4.35
C ASN A 88 -16.15 -12.51 -4.66
N VAL A 89 -16.16 -12.94 -5.90
CA VAL A 89 -15.85 -14.30 -6.28
C VAL A 89 -14.52 -14.76 -5.75
N TYR A 90 -13.45 -13.92 -5.70
CA TYR A 90 -12.20 -14.41 -5.15
C TYR A 90 -12.16 -14.60 -3.62
N PHE A 91 -12.83 -13.82 -2.84
CA PHE A 91 -12.96 -14.13 -1.40
C PHE A 91 -13.84 -15.36 -1.26
N LEU A 92 -14.98 -15.38 -1.99
CA LEU A 92 -15.90 -16.52 -1.90
C LEU A 92 -15.33 -17.87 -2.35
N SER A 93 -14.25 -17.78 -3.22
CA SER A 93 -13.61 -19.03 -3.67
C SER A 93 -13.08 -19.85 -2.49
N LYS A 94 -12.82 -19.25 -1.32
CA LYS A 94 -12.42 -19.96 -0.11
C LYS A 94 -13.50 -20.91 0.44
N LEU A 95 -14.75 -20.54 0.26
CA LEU A 95 -15.92 -21.29 0.71
C LEU A 95 -16.12 -22.52 -0.19
N PHE A 96 -16.24 -22.33 -1.55
CA PHE A 96 -16.40 -23.50 -2.38
C PHE A 96 -15.13 -24.40 -2.36
N SER A 97 -13.94 -23.91 -2.22
CA SER A 97 -12.79 -24.77 -1.98
C SER A 97 -12.88 -25.52 -0.65
N THR A 98 -13.42 -24.87 0.40
CA THR A 98 -13.66 -25.55 1.68
C THR A 98 -14.58 -26.73 1.40
N ASP A 99 -15.62 -26.52 0.58
CA ASP A 99 -16.54 -27.60 0.25
C ASP A 99 -15.91 -28.63 -0.69
N GLY A 100 -14.74 -28.38 -1.26
CA GLY A 100 -14.15 -29.34 -2.19
C GLY A 100 -14.72 -29.11 -3.61
N LYS A 101 -15.14 -27.94 -4.00
CA LYS A 101 -15.62 -27.72 -5.34
C LYS A 101 -14.62 -26.85 -6.14
N SER A 102 -14.73 -27.09 -7.45
CA SER A 102 -13.80 -26.36 -8.34
C SER A 102 -14.42 -25.02 -8.71
N PHE A 103 -13.56 -24.17 -9.26
CA PHE A 103 -14.00 -22.87 -9.79
C PHE A 103 -14.94 -23.14 -10.95
N GLN A 104 -14.72 -24.13 -11.77
CA GLN A 104 -15.68 -24.37 -12.86
C GLN A 104 -17.08 -24.69 -12.33
N PHE A 105 -17.17 -25.62 -11.37
CA PHE A 105 -18.44 -25.87 -10.68
C PHE A 105 -19.12 -24.60 -10.24
N ALA A 106 -18.37 -23.81 -9.47
CA ALA A 106 -18.95 -22.59 -8.89
C ALA A 106 -19.49 -21.68 -9.97
N ALA A 107 -18.63 -21.39 -10.96
CA ALA A 107 -19.02 -20.49 -12.08
C ALA A 107 -20.26 -21.07 -12.80
N GLY A 108 -20.28 -22.38 -13.09
CA GLY A 108 -21.43 -22.98 -13.79
C GLY A 108 -22.74 -22.94 -12.96
N SER A 109 -22.55 -23.01 -11.62
CA SER A 109 -23.72 -22.97 -10.76
C SER A 109 -24.36 -21.59 -10.78
N MET A 110 -23.67 -20.54 -11.20
CA MET A 110 -24.32 -19.26 -11.38
C MET A 110 -25.00 -19.01 -12.71
N THR A 111 -24.97 -19.95 -13.62
CA THR A 111 -25.52 -19.67 -14.97
C THR A 111 -26.88 -20.30 -15.11
N GLY A 112 -27.34 -21.14 -14.17
CA GLY A 112 -28.56 -21.92 -14.49
C GLY A 112 -28.43 -22.95 -15.60
N MET A 113 -27.17 -23.30 -16.00
CA MET A 113 -27.09 -24.45 -16.95
C MET A 113 -26.83 -25.58 -15.99
N THR A 114 -27.06 -26.83 -16.35
CA THR A 114 -26.53 -27.91 -15.49
C THR A 114 -25.02 -27.94 -15.53
N GLN A 115 -24.32 -28.64 -14.66
CA GLN A 115 -22.90 -28.77 -14.73
C GLN A 115 -22.48 -29.34 -16.08
N GLU A 116 -23.27 -30.19 -16.69
CA GLU A 116 -22.84 -30.94 -17.87
C GLU A 116 -22.85 -30.04 -19.10
N GLU A 117 -23.96 -29.32 -19.25
CA GLU A 117 -24.10 -28.32 -20.27
C GLU A 117 -23.01 -27.22 -20.18
N TYR A 118 -22.71 -26.72 -18.97
CA TYR A 118 -21.73 -25.67 -18.83
C TYR A 118 -20.35 -26.19 -19.27
N ALA A 119 -20.02 -27.40 -18.92
CA ALA A 119 -18.76 -28.05 -19.29
C ALA A 119 -18.69 -28.28 -20.82
N GLN A 120 -19.83 -28.61 -21.42
CA GLN A 120 -19.86 -28.84 -22.86
C GLN A 120 -19.72 -27.51 -23.64
N MET A 121 -20.39 -26.51 -23.13
CA MET A 121 -20.33 -25.14 -23.64
C MET A 121 -18.86 -24.66 -23.67
N MET A 122 -18.11 -24.89 -22.60
CA MET A 122 -16.72 -24.48 -22.54
C MET A 122 -15.90 -25.24 -23.60
N ILE A 123 -16.11 -26.55 -23.68
CA ILE A 123 -15.42 -27.43 -24.63
C ILE A 123 -15.60 -26.86 -26.06
N ASP A 124 -16.82 -26.47 -26.33
CA ASP A 124 -17.18 -25.93 -27.62
C ASP A 124 -16.69 -24.52 -27.82
N GLY A 125 -15.95 -23.88 -26.90
CA GLY A 125 -15.57 -22.50 -27.25
C GLY A 125 -16.05 -21.48 -26.22
N GLY A 126 -16.90 -21.88 -25.25
CA GLY A 126 -17.27 -20.94 -24.21
C GLY A 126 -18.45 -20.09 -24.68
N ARG A 127 -18.94 -19.26 -23.74
CA ARG A 127 -20.11 -18.45 -24.08
C ARG A 127 -19.66 -17.33 -25.04
N SER A 128 -20.41 -17.14 -26.10
CA SER A 128 -20.14 -16.03 -27.01
C SER A 128 -20.50 -14.70 -26.43
N PRO A 129 -19.74 -13.64 -26.72
CA PRO A 129 -20.04 -12.27 -26.42
C PRO A 129 -21.28 -11.71 -27.12
N ALA A 130 -21.70 -12.40 -28.19
CA ALA A 130 -22.82 -11.82 -28.97
C ALA A 130 -24.08 -11.63 -28.13
N GLY A 131 -24.57 -10.43 -27.95
CA GLY A 131 -25.91 -10.27 -27.30
C GLY A 131 -25.67 -9.98 -25.79
N VAL A 132 -24.48 -10.15 -25.23
CA VAL A 132 -24.29 -9.88 -23.80
C VAL A 132 -23.19 -8.88 -23.47
N ARG A 133 -23.09 -7.87 -24.33
CA ARG A 133 -22.17 -6.78 -24.11
C ARG A 133 -22.83 -5.51 -23.53
N SER A 134 -24.05 -5.27 -23.92
CA SER A 134 -24.69 -4.03 -23.52
C SER A 134 -26.20 -4.21 -23.34
N ILE A 135 -26.66 -3.82 -22.14
CA ILE A 135 -28.08 -3.95 -21.83
C ILE A 135 -28.87 -2.97 -22.72
N LYS A 136 -28.41 -1.71 -22.81
CA LYS A 136 -29.18 -0.82 -23.62
C LYS A 136 -29.02 -1.06 -25.14
N GLY A 137 -27.85 -1.38 -25.68
CA GLY A 137 -27.70 -1.70 -27.07
C GLY A 137 -28.33 -3.04 -27.48
N GLY A 138 -28.26 -4.06 -26.60
CA GLY A 138 -28.86 -5.33 -27.02
C GLY A 138 -27.83 -6.17 -27.78
N TYR A 139 -26.56 -5.77 -27.79
CA TYR A 139 -25.60 -6.53 -28.62
C TYR A 139 -24.55 -7.11 -27.64
N ALA B 2 20.56 -7.14 -13.40
CA ALA B 2 20.99 -6.00 -14.28
C ALA B 2 20.79 -6.02 -15.79
N ARG B 3 20.13 -6.97 -16.36
CA ARG B 3 19.38 -6.83 -17.58
C ARG B 3 18.06 -7.57 -17.64
N VAL B 4 17.02 -7.06 -18.22
CA VAL B 4 15.81 -7.73 -18.54
C VAL B 4 15.96 -8.44 -19.88
N THR B 5 16.17 -9.74 -19.96
CA THR B 5 16.44 -10.38 -21.25
C THR B 5 15.13 -10.82 -21.84
N THR B 6 14.13 -11.16 -20.96
CA THR B 6 12.93 -11.80 -21.52
C THR B 6 11.66 -11.48 -20.78
N GLY B 7 10.58 -11.41 -21.54
CA GLY B 7 9.24 -11.11 -21.05
C GLY B 7 8.45 -12.42 -21.30
N ILE B 8 7.84 -12.99 -20.25
CA ILE B 8 6.89 -14.12 -20.48
C ILE B 8 5.52 -13.84 -19.91
N THR B 9 4.43 -14.19 -20.54
CA THR B 9 3.13 -14.19 -19.94
C THR B 9 2.59 -15.63 -19.84
N SER B 10 1.61 -15.77 -18.94
CA SER B 10 1.06 -17.11 -18.70
C SER B 10 -0.22 -16.96 -17.86
N SER B 11 -1.13 -17.82 -18.21
CA SER B 11 -2.38 -17.91 -17.41
C SER B 11 -2.06 -18.58 -16.11
N HIS B 12 -2.81 -18.38 -15.01
CA HIS B 12 -2.39 -18.94 -13.73
C HIS B 12 -3.53 -19.73 -13.08
N ILE B 13 -4.32 -20.35 -13.95
CA ILE B 13 -5.52 -21.00 -13.44
C ILE B 13 -5.22 -22.13 -12.47
N PRO B 14 -5.88 -22.10 -11.29
CA PRO B 14 -5.62 -23.05 -10.22
C PRO B 14 -5.86 -24.48 -10.71
N ALA B 15 -6.85 -24.75 -11.56
CA ALA B 15 -7.10 -26.16 -11.92
C ALA B 15 -5.86 -26.80 -12.56
N LEU B 16 -4.90 -25.98 -13.06
CA LEU B 16 -3.67 -26.51 -13.64
C LEU B 16 -2.85 -27.10 -12.52
N GLY B 17 -2.76 -26.43 -11.39
CA GLY B 17 -1.85 -26.95 -10.30
C GLY B 17 -2.56 -28.16 -9.72
N ALA B 18 -3.91 -28.19 -9.76
CA ALA B 18 -4.66 -29.39 -9.32
C ALA B 18 -4.52 -30.56 -10.33
N ALA B 19 -4.56 -30.41 -11.63
CA ALA B 19 -4.22 -31.57 -12.49
C ALA B 19 -2.84 -32.14 -12.16
N ILE B 20 -1.88 -31.31 -11.81
CA ILE B 20 -0.53 -31.84 -11.50
C ILE B 20 -0.66 -32.64 -10.20
N GLN B 21 -1.37 -32.17 -9.22
CA GLN B 21 -1.31 -32.72 -7.86
C GLN B 21 -1.90 -34.15 -7.88
N THR B 22 -2.95 -34.28 -8.68
CA THR B 22 -3.74 -35.48 -8.80
C THR B 22 -3.20 -36.36 -9.91
N GLY B 23 -2.15 -36.02 -10.64
CA GLY B 23 -1.62 -36.94 -11.61
C GLY B 23 -2.50 -37.04 -12.84
N THR B 24 -3.33 -36.04 -13.17
CA THR B 24 -4.14 -36.20 -14.37
C THR B 24 -3.74 -35.17 -15.43
N SER B 25 -2.52 -34.63 -15.28
CA SER B 25 -2.10 -33.58 -16.22
C SER B 25 -1.92 -34.14 -17.61
N ASP B 26 -1.91 -35.47 -17.78
CA ASP B 26 -1.84 -36.10 -19.07
C ASP B 26 -3.16 -36.70 -19.52
N ASN B 27 -4.30 -36.39 -18.93
CA ASN B 27 -5.52 -37.01 -19.49
C ASN B 27 -5.91 -36.27 -20.77
N ASP B 28 -7.09 -36.52 -21.29
CA ASP B 28 -7.50 -35.96 -22.56
C ASP B 28 -7.82 -34.47 -22.45
N TYR B 29 -8.29 -34.01 -21.29
CA TYR B 29 -8.64 -32.58 -21.24
C TYR B 29 -7.41 -31.75 -21.06
N TRP B 30 -6.54 -32.16 -20.15
CA TRP B 30 -5.38 -31.38 -19.75
C TRP B 30 -4.19 -31.59 -20.68
N GLY B 31 -4.08 -32.77 -21.23
CA GLY B 31 -2.93 -33.15 -22.07
C GLY B 31 -2.45 -32.11 -23.10
N PRO B 32 -3.37 -31.59 -23.90
CA PRO B 32 -3.01 -30.63 -24.90
C PRO B 32 -2.53 -29.34 -24.25
N VAL B 33 -3.01 -29.02 -23.04
CA VAL B 33 -2.53 -27.81 -22.39
C VAL B 33 -1.07 -27.98 -21.99
N PHE B 34 -0.73 -29.02 -21.23
CA PHE B 34 0.63 -29.26 -20.75
C PHE B 34 1.60 -29.39 -21.94
N LYS B 35 1.13 -29.96 -23.05
CA LYS B 35 1.95 -30.04 -24.28
C LYS B 35 2.28 -28.68 -24.90
N GLY B 36 1.41 -27.69 -24.87
CA GLY B 36 1.65 -26.36 -25.38
C GLY B 36 2.64 -25.63 -24.48
N TYR B 37 2.89 -26.16 -23.24
CA TYR B 37 3.89 -25.50 -22.44
C TYR B 37 5.25 -26.15 -22.64
N GLN B 38 5.31 -27.30 -23.25
CA GLN B 38 6.61 -27.97 -23.39
C GLN B 38 7.76 -27.23 -24.05
N PRO B 39 7.51 -26.44 -25.09
CA PRO B 39 8.53 -25.68 -25.77
C PRO B 39 9.04 -24.60 -24.84
N ILE B 40 8.19 -24.16 -23.87
CA ILE B 40 8.70 -23.16 -22.93
C ILE B 40 9.63 -23.87 -21.98
N ARG B 41 9.25 -25.06 -21.51
CA ARG B 41 10.15 -25.73 -20.53
C ARG B 41 11.49 -26.06 -21.16
N ASP B 42 11.46 -26.46 -22.45
CA ASP B 42 12.73 -26.90 -23.08
C ASP B 42 13.55 -25.68 -23.46
N TRP B 43 12.93 -24.56 -23.78
CA TRP B 43 13.67 -23.34 -24.09
C TRP B 43 14.37 -22.81 -22.85
N ILE B 44 13.65 -22.76 -21.73
CA ILE B 44 14.14 -22.04 -20.54
C ILE B 44 15.27 -22.79 -19.89
N LYS B 45 15.35 -24.11 -20.06
CA LYS B 45 16.48 -24.78 -19.36
C LYS B 45 17.78 -24.54 -20.11
N GLN B 46 17.74 -24.00 -21.33
CA GLN B 46 19.01 -23.81 -22.08
C GLN B 46 19.90 -22.86 -21.33
N PRO B 47 21.19 -23.18 -21.28
CA PRO B 47 22.18 -22.26 -20.70
C PRO B 47 22.09 -20.90 -21.36
N GLY B 48 21.97 -19.85 -20.55
CA GLY B 48 21.80 -18.49 -21.06
C GLY B 48 20.35 -18.09 -21.15
N ASN B 49 19.44 -19.09 -21.23
CA ASN B 49 18.02 -18.70 -21.20
C ASN B 49 17.48 -18.73 -19.76
N MET B 50 17.99 -19.53 -18.83
CA MET B 50 17.46 -19.66 -17.50
C MET B 50 17.74 -18.37 -16.73
N PRO B 51 16.73 -17.77 -16.18
CA PRO B 51 16.88 -16.50 -15.46
C PRO B 51 17.61 -16.70 -14.16
N ASP B 52 18.36 -15.77 -13.63
CA ASP B 52 18.75 -15.69 -12.23
C ASP B 52 17.59 -15.30 -11.32
N VAL B 53 16.77 -14.36 -11.78
CA VAL B 53 15.68 -13.82 -10.99
C VAL B 53 14.48 -13.59 -11.87
N VAL B 54 13.31 -13.97 -11.41
CA VAL B 54 12.05 -13.60 -12.10
C VAL B 54 11.23 -12.61 -11.31
N ILE B 55 10.77 -11.59 -12.02
CA ILE B 55 9.99 -10.55 -11.38
C ILE B 55 8.58 -10.90 -11.77
N LEU B 56 7.83 -11.41 -10.77
CA LEU B 56 6.61 -12.09 -11.22
C LEU B 56 5.45 -11.16 -10.89
N VAL B 57 4.82 -10.63 -11.90
CA VAL B 57 3.75 -9.65 -11.75
C VAL B 57 2.43 -10.40 -11.85
N TYR B 58 1.62 -10.25 -10.75
CA TYR B 58 0.36 -11.01 -10.76
C TYR B 58 -0.68 -10.31 -9.88
N ASN B 59 -1.94 -10.70 -9.93
CA ASN B 59 -2.92 -10.17 -8.99
C ASN B 59 -3.12 -11.13 -7.83
N ASP B 60 -2.98 -10.69 -6.57
CA ASP B 60 -3.34 -11.56 -5.42
C ASP B 60 -4.84 -11.79 -5.51
N HIS B 61 -5.36 -12.94 -5.22
CA HIS B 61 -6.80 -13.24 -5.44
C HIS B 61 -7.43 -13.25 -4.06
N ALA B 62 -7.25 -12.20 -3.28
CA ALA B 62 -7.76 -12.15 -1.89
C ALA B 62 -7.07 -13.26 -1.09
N SER B 63 -5.73 -13.22 -1.14
CA SER B 63 -5.03 -14.28 -0.37
C SER B 63 -4.13 -13.60 0.66
N ALA B 64 -3.14 -12.83 0.21
CA ALA B 64 -2.22 -12.08 1.01
C ALA B 64 -2.99 -10.84 1.47
N PHE B 65 -3.96 -10.39 0.71
CA PHE B 65 -4.64 -9.14 1.03
C PHE B 65 -6.13 -9.44 1.25
N ASP B 66 -6.64 -8.94 2.38
CA ASP B 66 -8.06 -9.06 2.63
C ASP B 66 -8.70 -7.71 2.45
N MET B 67 -9.89 -7.48 2.99
CA MET B 67 -10.57 -6.19 2.77
C MET B 67 -9.91 -5.10 3.60
N ASN B 68 -9.06 -5.42 4.54
CA ASN B 68 -8.52 -4.39 5.41
C ASN B 68 -7.35 -3.62 4.82
N ILE B 69 -6.55 -4.20 3.94
CA ILE B 69 -5.38 -3.50 3.36
C ILE B 69 -5.34 -3.77 1.87
N ILE B 70 -5.64 -2.79 1.01
CA ILE B 70 -5.67 -3.01 -0.42
C ILE B 70 -4.70 -2.06 -1.13
N PRO B 71 -3.49 -2.46 -1.31
CA PRO B 71 -2.49 -1.74 -2.07
C PRO B 71 -2.68 -1.81 -3.58
N THR B 72 -2.50 -0.71 -4.30
CA THR B 72 -2.54 -0.72 -5.76
C THR B 72 -1.34 -1.51 -6.33
N PHE B 73 -0.12 -1.29 -5.90
CA PHE B 73 1.07 -1.94 -6.40
C PHE B 73 1.89 -2.36 -5.17
N ALA B 74 2.33 -3.60 -5.06
CA ALA B 74 3.18 -3.99 -3.95
C ALA B 74 4.38 -4.78 -4.46
N ILE B 75 5.44 -4.91 -3.67
CA ILE B 75 6.55 -5.77 -4.07
C ILE B 75 7.04 -6.55 -2.87
N GLY B 76 7.33 -7.82 -3.05
CA GLY B 76 7.83 -8.65 -2.02
C GLY B 76 9.35 -8.55 -1.85
N CYS B 77 9.79 -8.14 -0.63
CA CYS B 77 11.22 -7.93 -0.49
C CYS B 77 11.84 -8.93 0.48
N ALA B 78 11.01 -9.91 0.88
CA ALA B 78 11.40 -10.94 1.80
C ALA B 78 12.32 -11.96 1.12
N GLU B 79 12.92 -12.78 1.95
CA GLU B 79 13.80 -13.88 1.56
C GLU B 79 13.02 -15.12 1.20
N THR B 80 11.91 -15.40 1.90
CA THR B 80 11.12 -16.57 1.54
C THR B 80 9.66 -16.23 1.42
N PHE B 81 8.90 -16.88 0.58
CA PHE B 81 7.41 -16.70 0.59
C PHE B 81 6.80 -18.11 0.59
N LYS B 82 5.85 -18.37 1.47
CA LYS B 82 5.16 -19.66 1.50
C LYS B 82 3.95 -19.62 0.57
N PRO B 83 3.66 -20.75 -0.06
CA PRO B 83 2.45 -20.90 -0.86
C PRO B 83 1.22 -20.73 0.03
N ALA B 84 0.25 -19.93 -0.33
CA ALA B 84 -0.91 -19.63 0.47
C ALA B 84 -1.84 -20.86 0.61
N ASP B 85 -2.55 -20.86 1.73
CA ASP B 85 -3.62 -21.91 1.83
C ASP B 85 -4.87 -21.26 1.26
N GLU B 86 -5.40 -21.62 0.10
CA GLU B 86 -6.59 -20.96 -0.44
C GLU B 86 -7.85 -21.77 -0.16
N GLY B 87 -7.84 -22.69 0.82
CA GLY B 87 -9.09 -23.45 1.02
C GLY B 87 -8.81 -24.94 0.86
N TRP B 88 -7.69 -25.31 0.22
CA TRP B 88 -7.45 -26.74 -0.03
C TRP B 88 -6.25 -27.16 0.80
N GLY B 89 -5.67 -26.31 1.65
CA GLY B 89 -4.35 -26.59 2.29
C GLY B 89 -3.25 -25.95 1.42
N PRO B 90 -2.09 -25.67 1.97
CA PRO B 90 -1.00 -25.06 1.28
C PRO B 90 -0.60 -25.80 0.03
N ARG B 91 -0.37 -25.17 -1.13
CA ARG B 91 -0.07 -25.95 -2.34
C ARG B 91 1.28 -26.68 -2.05
N PRO B 92 1.33 -27.93 -2.41
CA PRO B 92 2.49 -28.74 -2.09
C PRO B 92 3.62 -28.48 -3.10
N VAL B 93 4.12 -27.28 -3.21
CA VAL B 93 5.28 -26.95 -4.04
C VAL B 93 6.30 -26.27 -3.13
N PRO B 94 7.55 -26.22 -3.56
CA PRO B 94 8.60 -25.63 -2.73
C PRO B 94 8.30 -24.15 -2.48
N ASP B 95 8.74 -23.66 -1.34
CA ASP B 95 8.71 -22.24 -1.00
C ASP B 95 9.42 -21.41 -2.08
N VAL B 96 8.90 -20.25 -2.39
CA VAL B 96 9.56 -19.33 -3.32
C VAL B 96 10.64 -18.50 -2.63
N LYS B 97 11.87 -18.58 -3.09
CA LYS B 97 13.01 -17.81 -2.67
C LYS B 97 13.10 -16.47 -3.37
N GLY B 98 13.12 -15.37 -2.60
CA GLY B 98 13.10 -14.06 -3.25
C GLY B 98 14.54 -13.59 -3.52
N HIS B 99 14.68 -12.32 -3.91
CA HIS B 99 16.00 -11.66 -3.91
C HIS B 99 15.96 -10.30 -3.27
N PRO B 100 16.24 -10.23 -1.95
CA PRO B 100 16.02 -9.02 -1.16
C PRO B 100 16.84 -7.84 -1.66
N ASP B 101 18.11 -7.99 -2.02
CA ASP B 101 18.90 -6.88 -2.55
C ASP B 101 18.30 -6.31 -3.84
N LEU B 102 17.97 -7.14 -4.85
CA LEU B 102 17.28 -6.55 -6.02
C LEU B 102 15.86 -6.10 -5.72
N ALA B 103 15.09 -6.85 -4.89
CA ALA B 103 13.71 -6.40 -4.65
C ALA B 103 13.72 -5.02 -4.00
N TRP B 104 14.65 -4.78 -3.05
CA TRP B 104 14.65 -3.51 -2.33
C TRP B 104 15.22 -2.44 -3.25
N HIS B 105 16.17 -2.85 -4.11
CA HIS B 105 16.70 -1.80 -5.04
C HIS B 105 15.57 -1.30 -5.90
N ILE B 106 14.75 -2.24 -6.41
CA ILE B 106 13.68 -1.87 -7.36
C ILE B 106 12.64 -1.06 -6.58
N ALA B 107 12.26 -1.47 -5.34
CA ALA B 107 11.24 -0.70 -4.63
C ALA B 107 11.76 0.75 -4.42
N GLN B 108 12.99 0.96 -3.96
CA GLN B 108 13.46 2.34 -3.75
C GLN B 108 13.48 3.14 -5.05
N SER B 109 13.86 2.48 -6.16
CA SER B 109 13.86 3.12 -7.46
C SER B 109 12.48 3.49 -7.96
N LEU B 110 11.46 2.66 -7.77
CA LEU B 110 10.13 3.03 -8.25
C LEU B 110 9.53 4.19 -7.48
N ILE B 111 9.94 4.28 -6.19
CA ILE B 111 9.29 5.37 -5.41
C ILE B 111 9.96 6.71 -5.85
N LEU B 112 11.29 6.63 -6.00
CA LEU B 112 12.01 7.77 -6.64
C LEU B 112 11.44 8.10 -7.97
N ASP B 113 10.87 7.15 -8.69
CA ASP B 113 10.32 7.48 -10.01
C ASP B 113 8.83 7.78 -9.93
N GLU B 114 8.38 8.05 -8.68
CA GLU B 114 7.00 8.48 -8.45
C GLU B 114 5.93 7.41 -8.66
N PHE B 115 6.22 6.18 -8.24
CA PHE B 115 5.17 5.17 -8.10
C PHE B 115 4.97 5.02 -6.58
N ASP B 116 3.72 5.03 -6.10
CA ASP B 116 3.51 4.98 -4.65
C ASP B 116 3.49 3.52 -4.19
N MET B 117 4.65 2.88 -4.07
CA MET B 117 4.75 1.48 -3.87
C MET B 117 4.42 1.11 -2.41
N THR B 118 4.00 -0.10 -2.17
CA THR B 118 3.81 -0.68 -0.86
C THR B 118 4.88 -1.74 -0.75
N ILE B 119 5.79 -1.67 0.19
CA ILE B 119 6.74 -2.73 0.40
C ILE B 119 6.21 -3.82 1.32
N MET B 120 6.16 -5.07 0.85
CA MET B 120 5.85 -6.23 1.67
C MET B 120 7.05 -7.01 2.15
N ASN B 121 7.27 -7.25 3.42
CA ASN B 121 8.37 -8.07 3.87
C ASN B 121 7.84 -9.38 4.42
N GLN B 122 6.53 -9.59 4.37
CA GLN B 122 6.03 -10.92 4.71
C GLN B 122 4.77 -11.17 3.91
N MET B 123 4.60 -12.28 3.21
CA MET B 123 3.33 -12.44 2.49
C MET B 123 3.33 -13.86 1.90
N ASP B 124 2.18 -14.46 1.77
CA ASP B 124 2.08 -15.77 1.14
C ASP B 124 1.79 -15.51 -0.34
N VAL B 125 2.16 -16.45 -1.20
CA VAL B 125 1.98 -16.23 -2.62
C VAL B 125 0.91 -17.23 -3.03
N ASP B 126 -0.12 -16.73 -3.68
CA ASP B 126 -1.20 -17.60 -4.10
C ASP B 126 -0.94 -18.14 -5.54
N HIS B 127 -1.96 -18.74 -6.11
CA HIS B 127 -1.95 -19.44 -7.36
C HIS B 127 -1.54 -18.48 -8.51
N GLY B 128 -1.77 -17.18 -8.28
CA GLY B 128 -1.39 -16.16 -9.23
C GLY B 128 0.09 -16.25 -9.56
N CYS B 129 0.86 -16.48 -8.49
CA CYS B 129 2.29 -16.58 -8.58
C CYS B 129 2.83 -17.99 -8.82
N THR B 130 2.27 -19.00 -8.13
CA THR B 130 2.95 -20.30 -8.18
C THR B 130 2.55 -21.24 -9.32
N VAL B 131 1.34 -21.14 -9.81
CA VAL B 131 0.94 -21.97 -10.93
C VAL B 131 1.85 -21.75 -12.18
N PRO B 132 2.20 -20.54 -12.53
CA PRO B 132 3.11 -20.32 -13.66
C PRO B 132 4.46 -20.93 -13.38
N LEU B 133 4.94 -20.88 -12.12
CA LEU B 133 6.21 -21.54 -11.82
C LEU B 133 6.10 -23.05 -12.11
N SER B 134 4.94 -23.66 -11.74
CA SER B 134 4.78 -25.10 -11.92
C SER B 134 4.72 -25.45 -13.40
N MET B 135 3.95 -24.67 -14.18
CA MET B 135 3.82 -24.89 -15.63
C MET B 135 5.17 -24.75 -16.39
N ILE B 136 6.05 -23.89 -15.99
CA ILE B 136 7.22 -23.50 -16.75
C ILE B 136 8.42 -24.25 -16.23
N PHE B 137 8.48 -24.46 -14.94
CA PHE B 137 9.58 -25.22 -14.34
C PHE B 137 9.16 -26.61 -13.88
N GLY B 138 7.90 -27.06 -13.96
CA GLY B 138 7.70 -28.50 -13.70
C GLY B 138 7.63 -28.76 -12.20
N GLU B 139 8.32 -29.74 -11.61
CA GLU B 139 8.10 -30.09 -10.21
C GLU B 139 9.42 -30.38 -9.52
N PRO B 140 10.33 -29.44 -9.54
CA PRO B 140 11.62 -29.61 -8.89
C PRO B 140 11.44 -29.59 -7.40
N GLU B 141 12.49 -30.00 -6.71
CA GLU B 141 12.67 -29.95 -5.28
C GLU B 141 12.86 -28.51 -4.80
N GLU B 142 13.52 -27.64 -5.53
CA GLU B 142 13.49 -26.19 -5.27
C GLU B 142 13.34 -25.41 -6.54
N TRP B 143 12.74 -24.20 -6.55
CA TRP B 143 12.62 -23.55 -7.88
C TRP B 143 14.03 -23.30 -8.40
N PRO B 144 14.31 -23.36 -9.69
CA PRO B 144 15.65 -23.21 -10.20
C PRO B 144 16.10 -21.76 -10.19
N CYS B 145 15.26 -20.79 -9.79
CA CYS B 145 15.75 -19.41 -9.78
C CYS B 145 15.16 -18.64 -8.59
N LYS B 146 15.57 -17.41 -8.34
CA LYS B 146 14.90 -16.58 -7.35
C LYS B 146 13.71 -15.90 -8.02
N VAL B 147 12.75 -15.50 -7.18
CA VAL B 147 11.54 -14.93 -7.74
C VAL B 147 11.19 -13.73 -6.87
N ILE B 148 10.87 -12.61 -7.52
CA ILE B 148 10.33 -11.46 -6.82
C ILE B 148 8.85 -11.26 -7.14
N PRO B 149 8.00 -11.40 -6.12
CA PRO B 149 6.58 -11.37 -6.33
C PRO B 149 6.12 -9.94 -6.40
N PHE B 150 5.30 -9.61 -7.40
CA PHE B 150 4.91 -8.20 -7.59
C PHE B 150 3.40 -8.12 -7.73
N PRO B 151 2.64 -8.11 -6.61
CA PRO B 151 1.18 -8.20 -6.64
C PRO B 151 0.55 -6.89 -7.00
N VAL B 152 -0.46 -6.91 -7.85
CA VAL B 152 -1.17 -5.79 -8.37
C VAL B 152 -2.65 -5.95 -8.10
N ASN B 153 -3.35 -4.95 -7.61
CA ASN B 153 -4.77 -5.04 -7.33
C ASN B 153 -5.57 -4.99 -8.61
N VAL B 154 -6.41 -6.03 -8.81
CA VAL B 154 -7.51 -5.84 -9.78
C VAL B 154 -8.81 -6.36 -9.15
N VAL B 155 -8.84 -6.48 -7.82
CA VAL B 155 -10.01 -7.02 -7.13
C VAL B 155 -11.06 -5.95 -6.88
N THR B 156 -10.70 -4.90 -6.12
CA THR B 156 -11.56 -3.79 -5.84
C THR B 156 -11.28 -2.62 -6.80
N TYR B 157 -12.34 -2.03 -7.34
CA TYR B 157 -12.17 -1.04 -8.37
C TYR B 157 -11.92 0.31 -7.74
N PRO B 158 -11.16 1.20 -8.38
CA PRO B 158 -10.55 0.87 -9.67
C PRO B 158 -9.19 0.17 -9.53
N PRO B 159 -8.84 -0.70 -10.44
CA PRO B 159 -7.47 -1.14 -10.69
C PRO B 159 -6.67 -0.02 -11.30
N PRO B 160 -5.37 -0.09 -11.35
CA PRO B 160 -4.55 0.94 -12.07
C PRO B 160 -4.86 0.93 -13.54
N SER B 161 -4.80 2.07 -14.21
CA SER B 161 -5.09 2.16 -15.65
C SER B 161 -4.08 1.37 -16.48
N GLY B 162 -4.47 1.05 -17.73
CA GLY B 162 -3.51 0.31 -18.56
C GLY B 162 -2.31 1.21 -18.91
N LYS B 163 -2.56 2.51 -18.93
CA LYS B 163 -1.45 3.48 -19.04
C LYS B 163 -0.47 3.48 -17.90
N ARG B 164 -0.98 3.49 -16.66
CA ARG B 164 -0.15 3.35 -15.46
C ARG B 164 0.73 2.09 -15.44
N CYS B 165 0.09 1.01 -15.89
CA CYS B 165 0.74 -0.30 -15.90
C CYS B 165 1.91 -0.38 -16.90
N PHE B 166 1.69 0.21 -18.09
CA PHE B 166 2.75 0.16 -19.13
C PHE B 166 3.92 1.01 -18.70
N ALA B 167 3.66 2.20 -18.15
CA ALA B 167 4.74 3.02 -17.60
C ALA B 167 5.47 2.35 -16.48
N LEU B 168 4.71 1.55 -15.66
CA LEU B 168 5.40 0.93 -14.49
C LEU B 168 6.41 -0.06 -15.06
N GLY B 169 6.08 -0.76 -16.17
CA GLY B 169 7.03 -1.88 -16.57
C GLY B 169 8.29 -1.19 -17.07
N ASP B 170 8.12 0.00 -17.68
CA ASP B 170 9.33 0.76 -18.09
C ASP B 170 10.20 1.21 -16.94
N SER B 171 9.63 1.55 -15.75
CA SER B 171 10.49 1.91 -14.63
C SER B 171 11.04 0.69 -13.97
N ILE B 172 10.35 -0.45 -14.12
CA ILE B 172 11.00 -1.65 -13.52
C ILE B 172 12.28 -2.00 -14.31
N ARG B 173 12.17 -1.89 -15.64
CA ARG B 173 13.34 -2.13 -16.50
C ARG B 173 14.46 -1.21 -16.13
N ALA B 174 14.10 0.07 -15.95
CA ALA B 174 15.20 1.01 -15.59
C ALA B 174 15.88 0.65 -14.28
N ALA B 175 15.09 0.21 -13.28
CA ALA B 175 15.77 -0.12 -12.00
C ALA B 175 16.58 -1.40 -12.12
N VAL B 176 16.12 -2.40 -12.88
CA VAL B 176 16.97 -3.62 -13.03
C VAL B 176 18.29 -3.26 -13.76
N GLU B 177 18.21 -2.32 -14.73
CA GLU B 177 19.42 -1.95 -15.46
C GLU B 177 20.34 -1.19 -14.53
N SER B 178 19.92 -0.39 -13.57
CA SER B 178 20.88 0.18 -12.66
C SER B 178 21.29 -0.77 -11.57
N PHE B 179 20.82 -1.99 -11.46
CA PHE B 179 21.34 -2.87 -10.42
C PHE B 179 22.73 -3.33 -10.88
N PRO B 180 23.74 -3.17 -10.05
CA PRO B 180 25.12 -3.35 -10.45
C PRO B 180 25.54 -4.79 -10.65
N GLU B 181 24.84 -5.84 -10.27
CA GLU B 181 25.25 -7.18 -10.64
C GLU B 181 24.83 -7.52 -12.05
N ASP B 182 25.55 -8.35 -12.78
CA ASP B 182 25.10 -8.70 -14.13
C ASP B 182 24.08 -9.82 -14.19
N LEU B 183 22.85 -9.70 -13.77
CA LEU B 183 21.95 -10.83 -13.55
C LEU B 183 21.13 -10.98 -14.82
N ASN B 184 20.79 -12.22 -15.17
CA ASN B 184 19.77 -12.36 -16.18
C ASN B 184 18.38 -12.30 -15.51
N VAL B 185 17.58 -11.30 -15.83
CA VAL B 185 16.31 -10.99 -15.15
C VAL B 185 15.19 -11.08 -16.15
N HIS B 186 14.15 -11.79 -15.73
CA HIS B 186 12.90 -11.88 -16.48
C HIS B 186 11.81 -11.05 -15.84
N VAL B 187 10.93 -10.44 -16.59
CA VAL B 187 9.64 -10.02 -16.11
C VAL B 187 8.52 -10.93 -16.61
N TRP B 188 7.76 -11.58 -15.69
CA TRP B 188 6.58 -12.39 -16.21
C TRP B 188 5.28 -11.64 -15.86
N GLY B 189 4.28 -11.67 -16.70
CA GLY B 189 2.98 -11.18 -16.26
C GLY B 189 2.04 -12.37 -16.24
N THR B 190 1.21 -12.51 -15.21
CA THR B 190 0.37 -13.74 -15.17
C THR B 190 -1.10 -13.42 -15.19
N GLY B 191 -2.01 -14.36 -15.54
CA GLY B 191 -3.43 -14.03 -15.59
C GLY B 191 -3.99 -14.02 -17.04
N GLY B 192 -5.32 -13.87 -17.16
CA GLY B 192 -5.96 -13.83 -18.45
C GLY B 192 -6.14 -15.25 -18.97
N MET B 193 -6.64 -15.43 -20.20
CA MET B 193 -7.03 -14.21 -20.94
C MET B 193 -8.53 -14.02 -20.75
N SER B 194 -9.39 -14.06 -21.77
CA SER B 194 -10.76 -13.63 -21.50
C SER B 194 -11.32 -14.72 -20.57
N HIS B 195 -12.11 -14.28 -19.58
CA HIS B 195 -12.90 -15.18 -18.76
C HIS B 195 -13.86 -14.40 -17.85
N GLN B 196 -14.92 -15.10 -17.41
CA GLN B 196 -15.75 -14.48 -16.36
C GLN B 196 -16.17 -15.59 -15.39
N LEU B 197 -15.89 -15.36 -14.10
CA LEU B 197 -16.15 -16.35 -13.04
C LEU B 197 -17.46 -16.10 -12.30
N GLN B 198 -18.27 -15.09 -12.66
CA GLN B 198 -19.35 -14.73 -11.70
C GLN B 198 -20.57 -14.51 -12.54
N GLY B 199 -21.76 -14.91 -12.04
CA GLY B 199 -22.95 -14.45 -12.66
C GLY B 199 -23.43 -15.30 -13.83
N PRO B 200 -24.63 -14.97 -14.35
CA PRO B 200 -25.24 -15.55 -15.48
C PRO B 200 -24.38 -15.43 -16.78
N ARG B 201 -23.42 -14.56 -16.84
CA ARG B 201 -22.57 -14.50 -18.06
C ARG B 201 -21.25 -15.23 -17.78
N ALA B 202 -21.14 -15.98 -16.69
CA ALA B 202 -19.92 -16.79 -16.57
C ALA B 202 -19.73 -17.67 -17.78
N GLY B 203 -18.49 -18.08 -18.09
CA GLY B 203 -18.33 -18.91 -19.30
C GLY B 203 -17.90 -18.05 -20.52
N LEU B 204 -18.14 -16.76 -20.46
CA LEU B 204 -17.75 -15.82 -21.52
C LEU B 204 -16.30 -16.05 -21.98
N ILE B 205 -16.12 -16.26 -23.29
CA ILE B 205 -14.78 -16.39 -23.89
C ILE B 205 -14.76 -15.52 -25.14
N ASN B 206 -13.73 -14.70 -25.33
CA ASN B 206 -13.77 -13.82 -26.52
C ASN B 206 -12.49 -13.99 -27.31
N LYS B 207 -12.42 -14.99 -28.22
CA LYS B 207 -11.13 -15.26 -28.84
C LYS B 207 -10.73 -14.12 -29.80
N GLU B 208 -11.62 -13.36 -30.35
CA GLU B 208 -11.28 -12.23 -31.19
C GLU B 208 -10.56 -11.19 -30.34
N PHE B 209 -11.14 -10.93 -29.16
CA PHE B 209 -10.46 -9.95 -28.31
C PHE B 209 -9.09 -10.46 -27.89
N ASP B 210 -8.94 -11.71 -27.54
CA ASP B 210 -7.66 -12.15 -27.00
C ASP B 210 -6.54 -12.18 -28.06
N LEU B 211 -6.87 -12.63 -29.27
CA LEU B 211 -5.90 -12.69 -30.37
C LEU B 211 -5.54 -11.30 -30.84
N ASN B 212 -6.48 -10.35 -30.87
CA ASN B 212 -6.04 -8.99 -31.18
C ASN B 212 -5.19 -8.37 -30.07
N PHE B 213 -5.50 -8.80 -28.81
CA PHE B 213 -4.75 -8.31 -27.67
C PHE B 213 -3.28 -8.74 -27.85
N ILE B 214 -3.10 -10.01 -28.18
CA ILE B 214 -1.75 -10.55 -28.33
C ILE B 214 -0.99 -9.77 -29.43
N ASP B 215 -1.71 -9.51 -30.53
CA ASP B 215 -1.14 -8.79 -31.62
C ASP B 215 -0.60 -7.39 -31.32
N LYS B 216 -1.50 -6.59 -30.77
CA LYS B 216 -1.16 -5.24 -30.37
C LYS B 216 -0.15 -5.20 -29.26
N LEU B 217 -0.16 -6.24 -28.39
CA LEU B 217 0.78 -6.18 -27.29
C LEU B 217 2.18 -6.27 -27.88
N ILE B 218 2.28 -7.14 -28.93
CA ILE B 218 3.60 -7.25 -29.57
C ILE B 218 3.94 -5.95 -30.32
N SER B 219 3.02 -5.48 -31.17
CA SER B 219 3.42 -4.50 -32.18
C SER B 219 3.01 -3.09 -31.84
N ASP B 220 1.95 -2.85 -31.06
CA ASP B 220 1.62 -1.51 -30.62
C ASP B 220 1.09 -1.39 -29.21
N PRO B 221 1.95 -1.63 -28.24
CA PRO B 221 1.48 -1.70 -26.85
C PRO B 221 1.03 -0.33 -26.39
N GLU B 222 1.59 0.75 -26.90
CA GLU B 222 1.27 2.10 -26.45
C GLU B 222 -0.19 2.41 -26.76
N GLU B 223 -0.66 2.06 -27.96
CA GLU B 223 -2.06 2.12 -28.28
C GLU B 223 -2.92 1.22 -27.37
N LEU B 224 -2.61 -0.06 -27.20
CA LEU B 224 -3.25 -0.99 -26.32
C LEU B 224 -3.31 -0.47 -24.90
N SER B 225 -2.25 0.19 -24.42
CA SER B 225 -2.32 0.85 -23.14
C SER B 225 -3.44 1.87 -22.95
N LYS B 226 -4.08 2.41 -23.95
CA LYS B 226 -5.12 3.41 -23.74
C LYS B 226 -6.47 2.73 -23.66
N MET B 227 -6.52 1.40 -23.82
CA MET B 227 -7.85 0.79 -23.72
C MET B 227 -8.38 1.00 -22.30
N PRO B 228 -9.54 1.61 -22.11
CA PRO B 228 -10.16 1.80 -20.80
C PRO B 228 -10.63 0.51 -20.16
N HIS B 229 -10.79 0.43 -18.85
CA HIS B 229 -11.26 -0.80 -18.16
C HIS B 229 -12.62 -1.27 -18.68
N ILE B 230 -13.53 -0.34 -18.95
CA ILE B 230 -14.85 -0.76 -19.43
C ILE B 230 -14.75 -1.63 -20.67
N GLN B 231 -13.71 -1.44 -21.52
CA GLN B 231 -13.64 -2.27 -22.73
C GLN B 231 -13.19 -3.68 -22.37
N TYR B 232 -12.25 -3.87 -21.45
CA TYR B 232 -11.91 -5.23 -21.01
C TYR B 232 -13.12 -5.97 -20.49
N LEU B 233 -13.82 -5.24 -19.60
CA LEU B 233 -14.98 -5.82 -18.90
C LEU B 233 -16.07 -6.24 -19.84
N ARG B 234 -16.46 -5.35 -20.73
CA ARG B 234 -17.60 -5.61 -21.61
C ARG B 234 -17.31 -6.79 -22.53
N GLU B 235 -16.06 -6.84 -23.01
CA GLU B 235 -15.66 -7.66 -24.14
C GLU B 235 -14.96 -8.93 -23.71
N SER B 236 -14.16 -8.91 -22.65
CA SER B 236 -13.38 -10.11 -22.31
C SER B 236 -13.78 -10.76 -20.96
N GLY B 237 -14.88 -10.29 -20.39
CA GLY B 237 -15.36 -10.83 -19.13
C GLY B 237 -14.83 -9.99 -17.95
N SER B 238 -15.54 -10.14 -16.81
CA SER B 238 -15.18 -9.35 -15.62
C SER B 238 -13.83 -9.76 -15.16
N GLU B 239 -13.35 -10.98 -15.39
CA GLU B 239 -11.96 -11.28 -14.96
C GLU B 239 -10.95 -11.10 -16.11
N GLY B 240 -11.37 -10.79 -17.33
CA GLY B 240 -10.45 -10.35 -18.35
C GLY B 240 -9.54 -9.21 -17.97
N VAL B 241 -9.87 -8.43 -16.96
CA VAL B 241 -9.12 -7.29 -16.50
C VAL B 241 -7.74 -7.75 -16.05
N GLU B 242 -7.57 -9.04 -15.80
CA GLU B 242 -6.25 -9.50 -15.43
C GLU B 242 -5.23 -9.24 -16.56
N LEU B 243 -5.71 -9.11 -17.81
CA LEU B 243 -4.75 -8.84 -18.86
C LEU B 243 -4.06 -7.50 -18.65
N VAL B 244 -4.50 -6.56 -17.80
CA VAL B 244 -3.68 -5.35 -17.63
C VAL B 244 -2.25 -5.72 -17.23
N MET B 245 -2.03 -6.84 -16.57
CA MET B 245 -0.66 -7.13 -16.20
C MET B 245 0.31 -7.56 -17.27
N TRP B 246 -0.26 -7.96 -18.40
CA TRP B 246 0.59 -8.31 -19.56
C TRP B 246 1.25 -6.96 -20.01
N LEU B 247 0.60 -5.86 -19.77
CA LEU B 247 1.12 -4.54 -20.14
C LEU B 247 2.32 -4.13 -19.27
N ILE B 248 2.33 -4.65 -18.04
CA ILE B 248 3.48 -4.31 -17.19
C ILE B 248 4.73 -5.00 -17.70
N MET B 249 4.59 -6.32 -17.96
CA MET B 249 5.66 -7.09 -18.62
C MET B 249 6.14 -6.41 -19.92
N ARG B 250 5.21 -6.09 -20.80
CA ARG B 250 5.43 -5.47 -22.09
C ARG B 250 6.19 -4.13 -21.99
N GLY B 251 5.94 -3.32 -20.96
CA GLY B 251 6.59 -1.96 -20.95
C GLY B 251 7.98 -2.19 -20.38
N ALA B 252 8.32 -3.39 -19.88
CA ALA B 252 9.70 -3.60 -19.44
C ALA B 252 10.66 -3.97 -20.60
N LEU B 253 10.14 -4.29 -21.76
CA LEU B 253 10.94 -4.60 -22.96
C LEU B 253 10.91 -3.37 -23.85
N PRO B 254 11.85 -3.25 -24.79
CA PRO B 254 11.99 -2.08 -25.65
C PRO B 254 10.88 -2.07 -26.66
N GLU B 255 10.90 -1.08 -27.51
CA GLU B 255 9.86 -0.86 -28.51
C GLU B 255 9.76 -2.01 -29.47
N LYS B 256 10.90 -2.59 -29.79
CA LYS B 256 10.93 -3.65 -30.81
C LYS B 256 11.18 -4.98 -30.16
N VAL B 257 10.24 -5.91 -30.27
CA VAL B 257 10.50 -7.24 -29.69
C VAL B 257 10.28 -8.33 -30.73
N ARG B 258 10.98 -9.43 -30.43
CA ARG B 258 10.48 -10.62 -31.19
C ARG B 258 9.68 -11.61 -30.36
N ASP B 259 8.56 -12.11 -30.88
CA ASP B 259 7.86 -13.19 -30.26
C ASP B 259 8.48 -14.53 -30.66
N LEU B 260 8.96 -15.26 -29.65
CA LEU B 260 9.60 -16.55 -29.95
C LEU B 260 8.56 -17.66 -29.96
N TYR B 261 7.46 -17.49 -29.20
CA TYR B 261 6.52 -18.60 -29.00
C TYR B 261 5.23 -18.04 -28.41
N THR B 262 4.09 -18.40 -28.96
CA THR B 262 2.76 -18.11 -28.52
C THR B 262 1.87 -19.36 -28.50
N PHE B 263 1.32 -19.68 -27.33
CA PHE B 263 0.30 -20.73 -27.16
C PHE B 263 -1.04 -20.16 -26.71
N TYR B 264 -2.11 -20.56 -27.31
CA TYR B 264 -3.48 -20.11 -27.09
C TYR B 264 -4.38 -21.36 -27.10
N HIS B 265 -5.09 -21.60 -25.99
CA HIS B 265 -5.94 -22.80 -25.90
C HIS B 265 -7.27 -22.49 -25.22
N ILE B 266 -8.40 -22.95 -25.68
CA ILE B 266 -9.75 -22.93 -25.15
C ILE B 266 -10.36 -24.34 -25.09
N PRO B 267 -10.84 -24.80 -23.94
CA PRO B 267 -10.73 -24.05 -22.68
C PRO B 267 -9.75 -24.61 -21.68
N ALA B 268 -9.50 -23.90 -20.58
CA ALA B 268 -8.78 -24.47 -19.43
C ALA B 268 -9.60 -23.94 -18.25
N SER B 269 -10.38 -24.87 -17.70
CA SER B 269 -11.38 -24.50 -16.65
C SER B 269 -12.35 -23.45 -17.16
N ASN B 270 -12.37 -22.18 -16.72
CA ASN B 270 -13.31 -21.22 -17.27
C ASN B 270 -12.75 -20.26 -18.34
N THR B 271 -11.46 -20.43 -18.60
CA THR B 271 -10.79 -19.38 -19.32
C THR B 271 -10.12 -19.77 -20.63
N ALA B 272 -9.84 -18.77 -21.43
CA ALA B 272 -8.94 -18.92 -22.61
C ALA B 272 -7.52 -18.80 -22.10
N LEU B 273 -6.74 -19.85 -22.21
CA LEU B 273 -5.37 -19.81 -21.69
C LEU B 273 -4.40 -19.32 -22.77
N GLY B 274 -3.45 -18.49 -22.40
CA GLY B 274 -2.47 -17.87 -23.25
C GLY B 274 -1.14 -17.92 -22.52
N ALA B 275 -0.08 -18.03 -23.31
CA ALA B 275 1.26 -18.05 -22.76
C ALA B 275 2.20 -17.53 -23.88
N MET B 276 3.14 -16.65 -23.58
CA MET B 276 4.01 -16.16 -24.65
C MET B 276 5.44 -15.89 -24.14
N ILE B 277 6.42 -16.01 -25.06
CA ILE B 277 7.78 -15.60 -24.76
C ILE B 277 8.20 -14.45 -25.71
N LEU B 278 8.58 -13.29 -25.19
CA LEU B 278 9.07 -12.18 -25.99
C LEU B 278 10.51 -11.82 -25.60
N GLN B 279 11.30 -11.35 -26.54
CA GLN B 279 12.65 -10.85 -26.26
C GLN B 279 12.88 -9.56 -27.05
N PRO B 280 13.64 -8.63 -26.51
CA PRO B 280 14.09 -7.48 -27.27
C PRO B 280 14.71 -7.98 -28.59
N GLU B 281 14.21 -7.41 -29.68
CA GLU B 281 14.63 -7.79 -31.02
C GLU B 281 16.16 -7.78 -31.16
N GLU B 282 16.87 -6.89 -30.56
CA GLU B 282 18.30 -6.81 -30.72
C GLU B 282 18.97 -8.03 -30.16
N THR B 283 18.38 -8.68 -29.15
CA THR B 283 19.21 -9.71 -28.50
C THR B 283 18.41 -10.99 -28.64
N ALA B 284 17.29 -10.95 -29.36
CA ALA B 284 16.43 -12.13 -29.37
C ALA B 284 17.14 -13.38 -29.88
N GLY B 285 16.86 -14.56 -29.33
CA GLY B 285 17.15 -15.84 -30.01
C GLY B 285 16.25 -16.07 -31.19
N THR B 286 16.35 -17.22 -31.82
CA THR B 286 15.48 -17.68 -32.92
C THR B 286 14.10 -18.02 -32.39
N PRO B 287 13.02 -17.76 -33.06
CA PRO B 287 11.72 -18.21 -32.63
C PRO B 287 11.71 -19.73 -32.60
N LEU B 288 10.75 -20.31 -31.91
CA LEU B 288 10.58 -21.78 -31.92
C LEU B 288 9.76 -22.22 -33.11
N GLU B 289 9.80 -23.50 -33.41
CA GLU B 289 9.05 -24.05 -34.52
C GLU B 289 8.12 -25.16 -34.01
N PRO B 290 6.82 -25.07 -34.22
CA PRO B 290 6.19 -23.87 -34.70
C PRO B 290 6.19 -22.69 -33.73
N ARG B 291 5.85 -21.51 -34.22
CA ARG B 291 6.05 -20.26 -33.55
C ARG B 291 4.77 -19.83 -32.82
N LYS B 292 3.65 -20.31 -33.29
CA LYS B 292 2.31 -20.05 -32.84
C LYS B 292 1.45 -21.30 -32.84
N VAL B 293 0.86 -21.67 -31.69
CA VAL B 293 0.01 -22.83 -31.56
C VAL B 293 -1.37 -22.44 -31.01
N MET B 294 -2.45 -22.74 -31.69
CA MET B 294 -3.81 -22.47 -31.24
C MET B 294 -4.53 -23.77 -30.94
N SER B 295 -4.88 -24.22 -29.75
CA SER B 295 -5.53 -25.51 -29.58
C SER B 295 -6.88 -25.44 -28.90
N GLY B 296 -7.48 -26.64 -28.91
CA GLY B 296 -8.83 -26.86 -28.47
C GLY B 296 -9.80 -26.95 -29.64
N HIS B 297 -10.94 -27.55 -29.33
CA HIS B 297 -11.91 -27.97 -30.33
C HIS B 297 -12.41 -26.80 -31.16
N SER B 298 -12.64 -25.65 -30.54
CA SER B 298 -13.00 -24.48 -31.33
C SER B 298 -11.86 -23.93 -32.19
N LEU B 299 -10.64 -24.44 -32.09
CA LEU B 299 -9.52 -23.89 -32.87
C LEU B 299 -8.95 -24.98 -33.77
N ILE C 8 16.95 10.36 -8.94
CA ILE C 8 16.80 9.48 -10.13
C ILE C 8 17.83 8.37 -10.12
N ASP C 9 19.06 8.63 -9.67
CA ASP C 9 19.97 7.52 -9.40
C ASP C 9 19.95 7.09 -7.93
N VAL C 10 19.45 5.88 -7.66
CA VAL C 10 19.23 5.44 -6.30
C VAL C 10 20.55 5.47 -5.53
N HIS C 11 21.65 5.05 -6.14
CA HIS C 11 22.93 4.98 -5.44
C HIS C 11 23.47 6.34 -4.99
N ALA C 12 23.27 7.37 -5.80
CA ALA C 12 23.76 8.69 -5.47
C ALA C 12 22.76 9.33 -4.49
N TYR C 13 21.46 9.00 -4.62
CA TYR C 13 20.51 9.46 -3.61
C TYR C 13 20.92 8.99 -2.22
N LEU C 14 21.25 7.75 -2.02
CA LEU C 14 21.55 7.23 -0.69
C LEU C 14 22.89 7.74 -0.19
N ALA C 15 23.89 7.74 -1.06
CA ALA C 15 25.29 8.03 -0.65
C ALA C 15 25.32 9.42 -0.01
N GLU C 16 24.49 10.35 -0.41
CA GLU C 16 24.48 11.65 0.22
C GLU C 16 24.23 11.65 1.73
N PHE C 17 23.37 10.75 2.20
CA PHE C 17 23.01 10.62 3.57
C PHE C 17 24.22 10.40 4.49
N ASP C 18 25.30 9.87 3.97
CA ASP C 18 26.40 9.56 4.86
C ASP C 18 27.24 10.81 5.15
N ASP C 19 26.93 11.96 4.62
CA ASP C 19 27.63 13.20 4.89
C ASP C 19 27.01 14.05 6.01
N ILE C 20 25.94 13.54 6.60
CA ILE C 20 25.26 14.23 7.70
C ILE C 20 25.78 13.69 9.03
N PRO C 21 26.38 14.51 9.88
CA PRO C 21 27.04 13.97 11.05
C PRO C 21 26.02 13.56 12.11
N GLY C 22 26.34 12.68 13.04
CA GLY C 22 25.45 12.32 14.13
C GLY C 22 24.08 11.78 13.74
N THR C 23 23.91 11.20 12.56
CA THR C 23 22.60 10.91 12.02
C THR C 23 22.68 9.63 11.23
N ARG C 24 21.77 8.71 11.40
CA ARG C 24 21.78 7.43 10.71
C ARG C 24 20.41 7.28 10.06
N VAL C 25 20.26 7.68 8.81
CA VAL C 25 18.99 7.67 8.11
C VAL C 25 18.53 6.25 7.89
N PHE C 26 17.22 6.08 7.99
CA PHE C 26 16.64 4.74 8.01
C PHE C 26 16.43 4.24 6.61
N THR C 27 17.51 3.69 6.03
CA THR C 27 17.47 3.29 4.61
C THR C 27 17.16 1.80 4.61
N ALA C 28 16.91 1.24 3.44
CA ALA C 28 16.65 -0.19 3.35
C ALA C 28 17.69 -1.06 4.03
N GLN C 29 18.96 -0.67 3.90
CA GLN C 29 20.03 -1.48 4.40
C GLN C 29 19.94 -1.58 5.92
N ARG C 30 19.63 -0.47 6.59
CA ARG C 30 19.41 -0.50 8.05
C ARG C 30 18.15 -1.24 8.39
N ALA C 31 17.13 -1.08 7.57
CA ALA C 31 15.81 -1.69 7.83
C ALA C 31 15.95 -3.22 7.79
N ARG C 32 16.76 -3.72 6.85
CA ARG C 32 16.93 -5.17 6.75
C ARG C 32 17.68 -5.67 7.98
N LYS C 33 18.65 -4.87 8.41
CA LYS C 33 19.54 -5.31 9.49
C LYS C 33 18.72 -5.26 10.78
N GLY C 34 17.84 -4.25 10.91
CA GLY C 34 17.14 -4.12 12.19
C GLY C 34 15.83 -4.84 12.22
N TYR C 35 15.49 -5.64 11.22
CA TYR C 35 14.13 -6.19 11.08
C TYR C 35 13.67 -6.88 12.37
N ASN C 36 14.46 -7.79 12.92
CA ASN C 36 14.13 -8.47 14.15
C ASN C 36 14.05 -7.54 15.35
N LEU C 37 14.98 -6.60 15.45
CA LEU C 37 14.97 -5.68 16.59
C LEU C 37 13.76 -4.75 16.71
N ASN C 38 13.33 -4.21 15.56
CA ASN C 38 12.14 -3.43 15.42
C ASN C 38 10.84 -4.21 15.51
N GLN C 39 10.77 -5.45 14.95
CA GLN C 39 9.59 -6.26 15.25
C GLN C 39 9.43 -6.56 16.73
N PHE C 40 10.55 -6.84 17.41
CA PHE C 40 10.53 -7.09 18.85
C PHE C 40 9.87 -5.83 19.46
N ALA C 41 10.29 -4.62 19.05
CA ALA C 41 9.80 -3.46 19.80
C ALA C 41 8.30 -3.27 19.53
N MET C 42 7.89 -3.58 18.28
CA MET C 42 6.48 -3.48 17.97
C MET C 42 5.60 -4.34 18.89
N SER C 43 6.16 -5.42 19.40
CA SER C 43 5.41 -6.40 20.19
C SER C 43 5.06 -5.73 21.53
N LEU C 44 5.72 -4.65 21.93
CA LEU C 44 5.48 -3.98 23.15
C LEU C 44 4.26 -3.04 23.08
N MET C 45 3.63 -3.00 21.93
CA MET C 45 2.36 -2.35 21.80
C MET C 45 1.27 -3.14 22.54
N LYS C 46 1.45 -4.39 22.91
CA LYS C 46 0.40 -5.11 23.64
C LYS C 46 0.76 -5.18 25.11
N ALA C 47 -0.20 -4.83 25.97
CA ALA C 47 -0.05 -4.80 27.42
C ALA C 47 0.38 -6.15 27.95
N GLU C 48 -0.10 -7.22 27.36
CA GLU C 48 0.33 -8.57 27.73
C GLU C 48 1.83 -8.73 27.49
N ASN C 49 2.32 -8.32 26.32
CA ASN C 49 3.74 -8.52 26.03
C ASN C 49 4.60 -7.68 26.96
N ARG C 50 4.14 -6.47 27.33
CA ARG C 50 4.95 -5.62 28.22
C ARG C 50 5.19 -6.26 29.58
N GLU C 51 4.10 -6.91 30.07
CA GLU C 51 4.20 -7.57 31.38
C GLU C 51 5.17 -8.75 31.28
N ARG C 52 5.05 -9.52 30.21
CA ARG C 52 6.01 -10.63 30.07
C ARG C 52 7.43 -10.14 29.92
N PHE C 53 7.61 -9.08 29.15
CA PHE C 53 8.99 -8.66 28.81
C PHE C 53 9.59 -8.23 30.16
N LYS C 54 8.73 -7.50 30.87
CA LYS C 54 9.19 -6.90 32.13
C LYS C 54 9.55 -8.01 33.12
N ALA C 55 8.75 -9.06 33.19
CA ALA C 55 8.97 -10.16 34.13
C ALA C 55 10.36 -10.77 33.95
N ASP C 56 10.77 -11.17 32.75
CA ASP C 56 12.16 -11.53 32.43
C ASP C 56 12.53 -11.09 31.00
N GLU C 57 13.30 -10.04 30.90
CA GLU C 57 13.70 -9.34 29.72
C GLU C 57 14.49 -10.27 28.83
N SER C 58 15.50 -10.91 29.43
CA SER C 58 16.41 -11.74 28.60
C SER C 58 15.66 -12.92 28.05
N ALA C 59 14.82 -13.56 28.86
CA ALA C 59 14.06 -14.70 28.33
C ALA C 59 13.23 -14.17 27.14
N TYR C 60 12.60 -13.00 27.31
CA TYR C 60 11.70 -12.50 26.27
C TYR C 60 12.51 -12.18 25.01
N LEU C 61 13.71 -11.65 25.25
CA LEU C 61 14.53 -11.24 24.12
C LEU C 61 14.95 -12.45 23.31
N ASP C 62 15.22 -13.56 23.95
CA ASP C 62 15.52 -14.81 23.27
C ASP C 62 14.50 -15.28 22.24
N GLU C 63 13.22 -14.98 22.29
CA GLU C 63 12.33 -15.37 21.18
C GLU C 63 12.46 -14.50 19.91
N TRP C 64 13.35 -13.50 19.87
CA TRP C 64 13.27 -12.56 18.73
C TRP C 64 14.45 -12.73 17.82
N ASN C 65 15.34 -13.71 18.13
CA ASN C 65 16.41 -14.00 17.20
C ASN C 65 17.26 -12.78 16.91
N LEU C 66 17.63 -12.03 17.95
CA LEU C 66 18.53 -10.89 17.79
C LEU C 66 19.99 -11.31 17.77
N THR C 67 20.87 -10.52 17.20
CA THR C 67 22.30 -10.75 17.39
C THR C 67 22.69 -10.46 18.84
N PRO C 68 23.80 -11.04 19.25
CA PRO C 68 24.28 -10.86 20.62
C PRO C 68 24.45 -9.39 20.88
N ALA C 69 24.94 -8.61 19.93
CA ALA C 69 25.10 -7.16 20.09
C ALA C 69 23.72 -6.51 20.29
N ALA C 70 22.70 -6.91 19.52
CA ALA C 70 21.42 -6.23 19.54
C ALA C 70 20.77 -6.49 20.90
N LYS C 71 20.94 -7.75 21.34
CA LYS C 71 20.34 -8.18 22.60
C LYS C 71 20.96 -7.40 23.75
N ALA C 72 22.29 -7.31 23.78
CA ALA C 72 22.98 -6.57 24.80
C ALA C 72 22.62 -5.09 24.80
N ALA C 73 22.51 -4.42 23.63
CA ALA C 73 22.08 -3.04 23.59
C ALA C 73 20.69 -2.84 24.21
N VAL C 74 19.75 -3.73 23.97
CA VAL C 74 18.42 -3.58 24.56
C VAL C 74 18.50 -3.66 26.10
N LEU C 75 19.17 -4.70 26.60
CA LEU C 75 19.33 -4.91 28.04
C LEU C 75 20.12 -3.80 28.67
N ALA C 76 21.03 -3.15 27.95
CA ALA C 76 21.73 -2.01 28.55
C ALA C 76 20.92 -0.74 28.27
N ARG C 77 19.74 -0.86 27.69
CA ARG C 77 19.08 0.34 27.14
C ARG C 77 20.03 1.32 26.49
N ASP C 78 20.91 0.88 25.59
CA ASP C 78 21.80 1.87 24.94
C ASP C 78 21.19 2.19 23.61
N TYR C 79 20.46 3.30 23.45
CA TYR C 79 19.74 3.55 22.20
C TYR C 79 20.66 3.81 21.03
N ASN C 80 21.83 4.46 21.20
CA ASN C 80 22.77 4.58 20.10
C ASN C 80 23.18 3.21 19.54
N ALA C 81 23.49 2.25 20.40
CA ALA C 81 23.89 0.93 19.90
C ALA C 81 22.74 0.19 19.25
N MET C 82 21.51 0.38 19.77
CA MET C 82 20.35 -0.23 19.10
C MET C 82 20.24 0.30 17.68
N ILE C 83 20.43 1.59 17.44
CA ILE C 83 20.26 2.21 16.13
C ILE C 83 21.39 1.66 15.22
N ASP C 84 22.61 1.47 15.69
CA ASP C 84 23.68 0.86 14.94
C ASP C 84 23.27 -0.54 14.49
N GLU C 85 22.47 -1.24 15.29
CA GLU C 85 21.99 -2.54 14.92
C GLU C 85 20.77 -2.47 14.01
N GLY C 86 20.39 -1.36 13.40
CA GLY C 86 19.24 -1.30 12.53
C GLY C 86 17.99 -0.78 13.18
N GLY C 87 18.10 -0.45 14.47
CA GLY C 87 16.84 -0.06 15.18
C GLY C 87 16.43 1.29 14.61
N ASN C 88 15.13 1.51 14.52
CA ASN C 88 14.57 2.81 14.18
C ASN C 88 13.89 3.43 15.41
N VAL C 89 14.08 4.71 15.64
CA VAL C 89 13.63 5.42 16.80
C VAL C 89 12.11 5.36 17.01
N TYR C 90 11.29 5.39 15.96
CA TYR C 90 9.86 5.24 16.06
C TYR C 90 9.43 3.87 16.56
N PHE C 91 10.12 2.83 16.11
CA PHE C 91 9.83 1.49 16.64
C PHE C 91 10.30 1.44 18.09
N LEU C 92 11.53 1.87 18.33
CA LEU C 92 12.08 1.74 19.68
C LEU C 92 11.37 2.62 20.73
N SER C 93 10.56 3.59 20.30
CA SER C 93 9.84 4.42 21.23
C SER C 93 8.91 3.57 22.10
N LYS C 94 8.44 2.45 21.56
CA LYS C 94 7.67 1.49 22.30
C LYS C 94 8.52 0.89 23.41
N LEU C 95 9.82 0.66 23.24
CA LEU C 95 10.63 0.23 24.38
C LEU C 95 10.70 1.29 25.48
N PHE C 96 11.05 2.56 25.13
CA PHE C 96 11.32 3.45 26.25
C PHE C 96 9.96 3.82 26.88
N SER C 97 8.88 3.70 26.07
CA SER C 97 7.58 4.04 26.61
C SER C 97 7.18 2.92 27.59
N THR C 98 7.49 1.67 27.33
CA THR C 98 7.21 0.62 28.27
C THR C 98 8.00 0.83 29.56
N ASP C 99 9.21 1.34 29.52
CA ASP C 99 9.95 1.77 30.70
C ASP C 99 9.31 2.99 31.37
N GLY C 100 8.28 3.64 30.84
CA GLY C 100 7.82 4.90 31.41
C GLY C 100 8.73 6.06 31.06
N LYS C 101 9.62 6.06 30.05
CA LYS C 101 10.38 7.28 29.71
C LYS C 101 9.70 8.15 28.68
N SER C 102 10.08 9.44 28.56
CA SER C 102 9.58 10.22 27.43
C SER C 102 10.51 10.22 26.22
N PHE C 103 10.02 10.72 25.08
CA PHE C 103 10.93 10.92 23.93
C PHE C 103 12.06 11.88 24.30
N GLN C 104 11.81 12.90 25.14
CA GLN C 104 12.89 13.82 25.49
C GLN C 104 13.97 13.11 26.28
N PHE C 105 13.64 12.18 27.16
CA PHE C 105 14.63 11.31 27.81
C PHE C 105 15.43 10.54 26.74
N ALA C 106 14.76 9.89 25.78
CA ALA C 106 15.49 8.99 24.89
C ALA C 106 16.43 9.78 23.98
N ALA C 107 15.98 10.98 23.58
CA ALA C 107 16.84 11.73 22.62
C ALA C 107 18.06 12.22 23.36
N GLY C 108 17.86 12.91 24.49
CA GLY C 108 19.03 13.38 25.25
C GLY C 108 19.97 12.26 25.60
N SER C 109 19.46 11.05 25.90
CA SER C 109 20.38 9.98 26.29
C SER C 109 21.37 9.67 25.15
N MET C 110 21.11 10.02 23.90
CA MET C 110 21.94 9.59 22.78
C MET C 110 22.98 10.67 22.47
N THR C 111 22.92 11.81 23.17
CA THR C 111 23.77 12.94 23.04
C THR C 111 24.90 12.92 24.06
N GLY C 112 24.92 12.06 25.06
CA GLY C 112 26.01 12.13 26.04
C GLY C 112 25.70 13.15 27.12
N MET C 113 24.85 14.13 26.81
CA MET C 113 24.44 15.15 27.74
C MET C 113 23.71 14.48 28.89
N THR C 114 23.62 15.20 29.98
CA THR C 114 22.77 14.78 31.11
C THR C 114 21.34 15.21 30.90
N GLN C 115 20.38 14.58 31.53
CA GLN C 115 18.97 14.95 31.37
C GLN C 115 18.71 16.40 31.65
N GLU C 116 19.39 16.98 32.64
CA GLU C 116 19.31 18.41 32.92
C GLU C 116 19.98 19.30 31.87
N GLU C 117 21.20 19.01 31.44
CA GLU C 117 21.81 19.91 30.46
C GLU C 117 21.10 19.73 29.14
N TYR C 118 20.66 18.50 28.78
CA TYR C 118 19.82 18.40 27.58
C TYR C 118 18.61 19.30 27.69
N ALA C 119 17.89 19.29 28.83
CA ALA C 119 16.70 20.11 28.96
C ALA C 119 17.02 21.60 28.93
N GLN C 120 18.16 22.04 29.50
CA GLN C 120 18.50 23.47 29.46
C GLN C 120 18.80 23.94 28.05
N MET C 121 19.52 23.09 27.30
CA MET C 121 19.80 23.36 25.87
C MET C 121 18.52 23.50 25.04
N MET C 122 17.49 22.69 25.30
CA MET C 122 16.21 22.87 24.58
C MET C 122 15.52 24.18 24.90
N ILE C 123 15.55 24.47 26.21
CA ILE C 123 14.96 25.74 26.70
C ILE C 123 15.68 26.93 26.04
N ASP C 124 17.00 26.87 25.94
CA ASP C 124 17.74 27.95 25.34
C ASP C 124 17.67 28.02 23.83
N GLY C 125 16.94 27.15 23.12
CA GLY C 125 16.78 27.33 21.69
C GLY C 125 17.20 26.07 20.93
N GLY C 126 17.77 25.08 21.56
CA GLY C 126 18.05 23.84 20.93
C GLY C 126 19.50 23.78 20.42
N ARG C 127 19.91 22.61 19.94
CA ARG C 127 21.19 22.48 19.29
C ARG C 127 21.19 23.25 17.97
N SER C 128 22.24 24.05 17.77
CA SER C 128 22.40 24.88 16.56
C SER C 128 22.83 24.02 15.39
N PRO C 129 22.38 24.31 14.20
CA PRO C 129 22.77 23.56 13.01
C PRO C 129 24.20 23.84 12.52
N ALA C 130 24.71 25.01 12.93
CA ALA C 130 26.02 25.46 12.48
C ALA C 130 27.12 24.44 12.75
N GLY C 131 27.86 24.02 11.74
CA GLY C 131 28.93 23.03 12.02
C GLY C 131 28.37 21.63 12.06
N VAL C 132 27.06 21.36 11.96
CA VAL C 132 26.74 19.92 12.05
C VAL C 132 25.85 19.49 10.90
N ARG C 133 26.02 20.20 9.77
CA ARG C 133 25.20 19.77 8.63
C ARG C 133 26.00 18.89 7.67
N SER C 134 27.33 19.02 7.61
CA SER C 134 28.07 18.30 6.58
C SER C 134 29.42 17.83 7.05
N ILE C 135 29.77 16.57 6.91
CA ILE C 135 31.10 16.10 7.28
C ILE C 135 32.20 16.66 6.36
N LYS C 136 31.97 16.68 5.05
CA LYS C 136 33.08 16.96 4.14
C LYS C 136 33.28 18.47 3.99
N GLY C 137 32.22 19.23 4.29
CA GLY C 137 32.16 20.65 4.08
C GLY C 137 32.43 21.40 5.38
N GLY C 138 32.42 20.73 6.53
CA GLY C 138 32.51 21.34 7.83
C GLY C 138 31.48 22.34 8.26
N TYR C 139 30.40 22.62 7.55
CA TYR C 139 29.38 23.48 8.09
C TYR C 139 28.16 22.75 8.70
N ALA D 2 -17.66 18.74 -0.49
CA ALA D 2 -17.60 19.37 -1.83
C ALA D 2 -16.87 20.72 -1.84
N ARG D 3 -16.51 21.27 -0.67
CA ARG D 3 -15.49 22.35 -0.70
C ARG D 3 -14.32 22.21 0.23
N VAL D 4 -13.08 22.46 -0.18
CA VAL D 4 -11.96 22.57 0.74
C VAL D 4 -11.81 24.03 1.20
N THR D 5 -12.36 24.38 2.36
CA THR D 5 -12.43 25.79 2.79
C THR D 5 -11.15 26.25 3.44
N THR D 6 -10.38 25.34 4.07
CA THR D 6 -9.32 25.77 4.96
C THR D 6 -8.30 24.67 5.09
N GLY D 7 -7.07 25.08 5.24
CA GLY D 7 -5.94 24.23 5.46
C GLY D 7 -5.33 24.54 6.83
N ILE D 8 -4.96 23.54 7.60
CA ILE D 8 -4.38 23.80 8.92
C ILE D 8 -3.18 22.87 9.04
N THR D 9 -2.15 23.26 9.73
CA THR D 9 -1.04 22.46 10.12
C THR D 9 -0.85 22.63 11.62
N SER D 10 -0.38 21.54 12.24
CA SER D 10 -0.15 21.52 13.67
C SER D 10 0.95 20.51 13.86
N SER D 11 1.90 20.82 14.74
CA SER D 11 2.81 19.74 15.18
C SER D 11 2.01 18.73 15.96
N HIS D 12 2.56 17.54 16.29
CA HIS D 12 1.74 16.46 16.87
C HIS D 12 2.47 15.70 17.96
N ILE D 13 3.36 16.37 18.67
CA ILE D 13 4.21 15.72 19.63
C ILE D 13 3.35 15.07 20.73
N PRO D 14 3.66 13.82 21.05
CA PRO D 14 3.02 13.07 22.11
C PRO D 14 3.09 13.74 23.48
N ALA D 15 4.18 14.35 23.89
CA ALA D 15 4.18 15.10 25.17
C ALA D 15 3.04 16.09 25.29
N LEU D 16 2.48 16.67 24.25
CA LEU D 16 1.34 17.58 24.41
C LEU D 16 0.15 16.81 24.97
N GLY D 17 -0.01 15.57 24.49
CA GLY D 17 -1.24 14.88 24.98
C GLY D 17 -0.89 14.41 26.39
N ALA D 18 0.41 14.20 26.62
CA ALA D 18 0.78 13.85 27.99
C ALA D 18 0.50 15.03 28.92
N ALA D 19 0.83 16.27 28.55
CA ALA D 19 0.52 17.42 29.38
C ALA D 19 -1.00 17.56 29.65
N ILE D 20 -1.85 17.22 28.67
CA ILE D 20 -3.28 17.29 28.83
C ILE D 20 -3.72 16.25 29.85
N GLN D 21 -3.21 15.05 29.76
CA GLN D 21 -3.62 13.99 30.67
C GLN D 21 -3.13 14.29 32.10
N THR D 22 -1.98 14.94 32.27
CA THR D 22 -1.46 15.02 33.65
C THR D 22 -1.80 16.40 34.21
N GLY D 23 -2.73 17.15 33.65
CA GLY D 23 -2.95 18.54 33.95
C GLY D 23 -1.72 19.40 34.10
N THR D 24 -0.61 19.23 33.42
CA THR D 24 0.52 20.16 33.47
C THR D 24 0.47 21.16 32.31
N SER D 25 -0.66 21.09 31.62
CA SER D 25 -0.82 21.93 30.44
C SER D 25 -0.73 23.39 30.76
N ASP D 26 -0.76 23.81 32.01
CA ASP D 26 -0.79 25.24 32.34
C ASP D 26 0.45 25.60 33.15
N ASN D 27 1.39 24.64 33.28
CA ASN D 27 2.59 25.00 34.05
C ASN D 27 3.44 26.03 33.32
N ASP D 28 4.60 26.37 33.82
CA ASP D 28 5.51 27.32 33.21
C ASP D 28 6.03 26.94 31.82
N TYR D 29 6.15 25.61 31.57
CA TYR D 29 6.72 25.17 30.28
C TYR D 29 5.60 25.05 29.26
N TRP D 30 4.49 24.40 29.57
CA TRP D 30 3.43 24.11 28.62
C TRP D 30 2.48 25.26 28.37
N GLY D 31 2.35 26.18 29.30
CA GLY D 31 1.35 27.24 29.25
C GLY D 31 1.37 28.04 27.98
N PRO D 32 2.52 28.52 27.59
CA PRO D 32 2.64 29.38 26.40
C PRO D 32 2.31 28.56 25.15
N VAL D 33 2.56 27.26 25.18
CA VAL D 33 2.17 26.43 24.02
C VAL D 33 0.66 26.39 23.94
N PHE D 34 0.02 26.11 25.08
CA PHE D 34 -1.47 25.99 24.99
C PHE D 34 -2.14 27.32 24.68
N LYS D 35 -1.57 28.39 25.23
CA LYS D 35 -2.17 29.70 24.95
C LYS D 35 -2.12 29.95 23.45
N GLY D 36 -1.06 29.50 22.77
CA GLY D 36 -0.89 29.75 21.34
C GLY D 36 -1.97 29.09 20.47
N TYR D 37 -2.55 28.02 20.99
CA TYR D 37 -3.58 27.27 20.30
C TYR D 37 -4.97 27.85 20.59
N GLN D 38 -5.01 28.71 21.62
CA GLN D 38 -6.36 29.17 22.00
C GLN D 38 -7.10 29.88 20.89
N PRO D 39 -6.47 30.80 20.18
CA PRO D 39 -7.10 31.45 19.06
C PRO D 39 -7.57 30.41 18.04
N ILE D 40 -6.81 29.33 17.79
CA ILE D 40 -7.36 28.32 16.85
C ILE D 40 -8.62 27.67 17.43
N ARG D 41 -8.52 27.38 18.73
CA ARG D 41 -9.63 26.68 19.39
C ARG D 41 -10.89 27.52 19.30
N ASP D 42 -10.77 28.85 19.46
CA ASP D 42 -11.95 29.70 19.44
C ASP D 42 -12.44 29.89 18.01
N TRP D 43 -11.53 30.08 17.06
CA TRP D 43 -11.91 30.34 15.68
C TRP D 43 -12.73 29.16 15.13
N ILE D 44 -12.27 27.91 15.40
CA ILE D 44 -12.86 26.81 14.65
C ILE D 44 -14.26 26.58 15.21
N LYS D 45 -14.44 27.08 16.45
CA LYS D 45 -15.70 26.79 17.13
C LYS D 45 -16.81 27.73 16.69
N GLN D 46 -16.46 28.86 16.08
CA GLN D 46 -17.41 29.88 15.66
C GLN D 46 -18.34 29.36 14.59
N PRO D 47 -19.42 30.11 14.40
CA PRO D 47 -20.60 29.61 13.68
C PRO D 47 -20.10 29.56 12.25
N GLY D 48 -20.18 28.46 11.52
CA GLY D 48 -19.59 28.51 10.18
C GLY D 48 -18.17 28.05 9.97
N ASN D 49 -17.30 28.00 10.96
CA ASN D 49 -15.95 27.49 10.81
C ASN D 49 -15.74 26.01 11.08
N MET D 50 -16.64 25.36 11.84
CA MET D 50 -16.43 23.95 12.20
C MET D 50 -16.58 23.14 10.92
N PRO D 51 -15.61 22.36 10.51
CA PRO D 51 -15.71 21.54 9.31
C PRO D 51 -16.66 20.39 9.47
N ASP D 52 -17.29 19.96 8.38
CA ASP D 52 -18.01 18.66 8.46
C ASP D 52 -17.02 17.53 8.50
N VAL D 53 -15.90 17.67 7.76
CA VAL D 53 -14.95 16.57 7.67
C VAL D 53 -13.54 17.16 7.56
N VAL D 54 -12.60 16.49 8.18
CA VAL D 54 -11.18 16.77 8.17
C VAL D 54 -10.43 15.63 7.49
N ILE D 55 -9.89 15.88 6.32
CA ILE D 55 -8.88 14.96 5.81
C ILE D 55 -7.59 15.21 6.57
N LEU D 56 -7.10 14.23 7.34
CA LEU D 56 -5.99 14.47 8.21
C LEU D 56 -4.77 13.75 7.73
N VAL D 57 -3.76 14.46 7.28
CA VAL D 57 -2.57 13.95 6.62
C VAL D 57 -1.44 13.92 7.63
N TYR D 58 -0.86 12.75 7.91
CA TYR D 58 0.13 12.59 8.96
C TYR D 58 0.97 11.38 8.65
N ASN D 59 2.10 11.21 9.32
CA ASN D 59 2.91 10.01 9.17
C ASN D 59 2.58 8.99 10.26
N ASP D 60 2.29 7.73 9.92
CA ASP D 60 2.17 6.72 11.00
C ASP D 60 3.52 6.56 11.66
N HIS D 61 3.57 6.49 13.00
CA HIS D 61 4.87 6.35 13.64
C HIS D 61 5.15 4.91 14.02
N ALA D 62 5.12 4.03 13.02
CA ALA D 62 5.31 2.59 13.27
C ALA D 62 4.27 2.14 14.32
N SER D 63 3.01 2.45 13.99
CA SER D 63 1.90 2.10 14.86
C SER D 63 0.93 1.22 14.08
N ALA D 64 0.18 1.77 13.14
CA ALA D 64 -0.59 0.97 12.22
C ALA D 64 0.28 0.10 11.30
N PHE D 65 1.54 0.50 11.05
CA PHE D 65 2.32 -0.31 10.08
C PHE D 65 3.63 -0.76 10.71
N ASP D 66 3.98 -2.02 10.68
CA ASP D 66 5.26 -2.49 11.18
C ASP D 66 6.20 -2.70 9.97
N MET D 67 7.25 -3.50 10.08
CA MET D 67 8.21 -3.74 9.00
C MET D 67 7.61 -4.61 7.91
N ASN D 68 6.47 -5.28 8.15
CA ASN D 68 5.95 -6.15 7.11
C ASN D 68 5.15 -5.49 6.00
N ILE D 69 4.54 -4.34 6.17
CA ILE D 69 3.69 -3.72 5.14
C ILE D 69 3.91 -2.21 5.22
N ILE D 70 4.60 -1.57 4.28
CA ILE D 70 4.94 -0.16 4.34
C ILE D 70 4.40 0.53 3.12
N PRO D 71 3.26 1.16 3.20
CA PRO D 71 2.69 1.83 2.03
C PRO D 71 3.24 3.25 1.95
N THR D 72 3.42 3.81 0.79
CA THR D 72 3.73 5.24 0.63
C THR D 72 2.55 6.11 1.01
N PHE D 73 1.39 5.93 0.44
CA PHE D 73 0.17 6.72 0.64
C PHE D 73 -1.01 5.77 0.95
N ALA D 74 -1.75 6.07 1.99
CA ALA D 74 -2.81 5.15 2.44
C ALA D 74 -3.99 6.02 2.84
N ILE D 75 -5.23 5.53 2.71
CA ILE D 75 -6.32 6.40 3.16
C ILE D 75 -7.28 5.60 4.04
N GLY D 76 -7.74 6.10 5.18
CA GLY D 76 -8.66 5.26 6.01
C GLY D 76 -10.11 5.37 5.61
N CYS D 77 -10.74 4.30 5.19
CA CYS D 77 -12.11 4.35 4.70
C CYS D 77 -13.06 3.66 5.68
N ALA D 78 -12.57 3.22 6.84
CA ALA D 78 -13.40 2.73 7.88
C ALA D 78 -14.28 3.84 8.49
N GLU D 79 -15.33 3.31 9.08
CA GLU D 79 -16.32 4.00 9.89
C GLU D 79 -15.72 4.45 11.23
N THR D 80 -14.79 3.74 11.82
CA THR D 80 -14.26 4.03 13.15
C THR D 80 -12.77 3.75 13.29
N PHE D 81 -12.02 4.61 13.97
CA PHE D 81 -10.62 4.25 14.23
C PHE D 81 -10.26 4.37 15.71
N LYS D 82 -9.67 3.38 16.34
CA LYS D 82 -9.21 3.41 17.72
C LYS D 82 -7.86 4.09 17.87
N PRO D 83 -7.63 4.65 19.07
CA PRO D 83 -6.36 5.31 19.32
C PRO D 83 -5.32 4.24 19.49
N ALA D 84 -4.13 4.30 18.91
CA ALA D 84 -3.20 3.21 19.07
C ALA D 84 -2.66 3.11 20.50
N ASP D 85 -2.20 1.91 20.87
CA ASP D 85 -1.43 1.78 22.10
C ASP D 85 0.04 1.87 21.69
N GLU D 86 0.69 2.96 22.14
CA GLU D 86 2.06 3.18 21.73
C GLU D 86 3.02 2.78 22.83
N GLY D 87 2.58 1.95 23.79
CA GLY D 87 3.52 1.64 24.91
C GLY D 87 3.02 2.09 26.26
N TRP D 88 2.14 3.07 26.38
CA TRP D 88 1.56 3.60 27.57
C TRP D 88 0.11 3.12 27.71
N GLY D 89 -0.41 2.29 26.83
CA GLY D 89 -1.83 2.04 26.78
C GLY D 89 -2.46 3.01 25.78
N PRO D 90 -3.63 2.69 25.28
CA PRO D 90 -4.34 3.58 24.38
C PRO D 90 -4.53 4.96 24.96
N ARG D 91 -4.30 6.01 24.15
CA ARG D 91 -4.67 7.36 24.56
C ARG D 91 -6.15 7.39 24.94
N PRO D 92 -6.44 8.04 26.08
CA PRO D 92 -7.79 8.09 26.59
C PRO D 92 -8.54 9.20 25.87
N VAL D 93 -8.83 9.11 24.57
CA VAL D 93 -9.63 10.10 23.87
C VAL D 93 -10.69 9.36 23.10
N PRO D 94 -11.78 10.03 22.76
CA PRO D 94 -12.78 9.35 21.94
C PRO D 94 -12.22 8.71 20.69
N ASP D 95 -12.89 7.65 20.21
CA ASP D 95 -12.70 7.06 18.91
C ASP D 95 -12.85 8.11 17.80
N VAL D 96 -12.04 7.91 16.75
CA VAL D 96 -12.18 8.90 15.62
C VAL D 96 -13.23 8.32 14.67
N LYS D 97 -14.27 9.03 14.30
CA LYS D 97 -15.25 8.53 13.36
C LYS D 97 -14.91 8.94 11.92
N GLY D 98 -15.01 8.05 10.94
CA GLY D 98 -14.58 8.44 9.60
C GLY D 98 -15.74 8.98 8.76
N HIS D 99 -15.50 9.02 7.45
CA HIS D 99 -16.67 9.29 6.59
C HIS D 99 -16.48 8.41 5.37
N PRO D 100 -16.94 7.17 5.42
CA PRO D 100 -16.71 6.22 4.36
C PRO D 100 -17.11 6.69 2.99
N ASP D 101 -18.25 7.36 2.83
CA ASP D 101 -18.65 7.82 1.52
C ASP D 101 -17.59 8.78 0.93
N LEU D 102 -17.18 9.84 1.62
CA LEU D 102 -16.18 10.72 1.09
C LEU D 102 -14.80 10.02 0.93
N ALA D 103 -14.42 9.14 1.80
CA ALA D 103 -13.13 8.49 1.88
C ALA D 103 -13.01 7.58 0.65
N TRP D 104 -14.09 6.82 0.42
CA TRP D 104 -14.08 5.97 -0.75
C TRP D 104 -14.10 6.80 -2.04
N HIS D 105 -14.93 7.86 -2.04
CA HIS D 105 -14.89 8.69 -3.23
C HIS D 105 -13.48 9.24 -3.56
N ILE D 106 -12.75 9.68 -2.55
CA ILE D 106 -11.40 10.23 -2.76
C ILE D 106 -10.48 9.10 -3.19
N ALA D 107 -10.51 7.96 -2.47
CA ALA D 107 -9.64 6.86 -2.85
C ALA D 107 -9.84 6.54 -4.35
N GLN D 108 -11.09 6.42 -4.81
CA GLN D 108 -11.32 6.00 -6.20
C GLN D 108 -10.81 7.12 -7.13
N SER D 109 -10.99 8.38 -6.72
CA SER D 109 -10.57 9.46 -7.59
C SER D 109 -9.05 9.52 -7.67
N LEU D 110 -8.36 9.25 -6.55
CA LEU D 110 -6.91 9.44 -6.61
C LEU D 110 -6.30 8.37 -7.50
N ILE D 111 -6.79 7.13 -7.35
CA ILE D 111 -6.38 6.03 -8.22
C ILE D 111 -6.61 6.35 -9.70
N LEU D 112 -7.78 6.86 -10.07
CA LEU D 112 -8.02 7.24 -11.45
C LEU D 112 -7.13 8.42 -11.79
N ASP D 113 -6.68 9.18 -10.82
CA ASP D 113 -5.70 10.23 -11.13
C ASP D 113 -4.26 9.76 -11.16
N GLU D 114 -4.04 8.44 -11.12
CA GLU D 114 -2.71 7.89 -11.12
C GLU D 114 -1.94 8.06 -9.81
N PHE D 115 -2.61 7.98 -8.66
CA PHE D 115 -1.79 7.73 -7.45
C PHE D 115 -2.01 6.27 -7.04
N ASP D 116 -0.95 5.61 -6.57
CA ASP D 116 -1.11 4.17 -6.31
C ASP D 116 -1.56 3.99 -4.85
N MET D 117 -2.81 4.37 -4.61
CA MET D 117 -3.29 4.40 -3.19
C MET D 117 -3.31 3.01 -2.58
N THR D 118 -3.03 2.93 -1.29
CA THR D 118 -3.40 1.76 -0.45
C THR D 118 -4.62 2.05 0.36
N ILE D 119 -5.70 1.28 0.22
CA ILE D 119 -6.97 1.48 0.92
C ILE D 119 -6.97 0.78 2.29
N MET D 120 -7.24 1.52 3.37
CA MET D 120 -7.18 0.85 4.71
C MET D 120 -8.63 0.77 5.30
N ASN D 121 -9.16 -0.43 5.52
CA ASN D 121 -10.50 -0.45 6.08
C ASN D 121 -10.39 -0.84 7.55
N GLN D 122 -9.16 -1.01 8.02
CA GLN D 122 -9.06 -1.08 9.48
C GLN D 122 -7.69 -0.58 9.91
N MET D 123 -7.67 0.28 10.91
CA MET D 123 -6.36 0.69 11.43
C MET D 123 -6.50 1.55 12.69
N ASP D 124 -5.54 1.52 13.55
CA ASP D 124 -5.42 2.39 14.71
C ASP D 124 -4.70 3.67 14.30
N VAL D 125 -5.10 4.79 14.87
CA VAL D 125 -4.51 6.09 14.64
C VAL D 125 -3.64 6.46 15.84
N ASP D 126 -2.36 6.76 15.48
CA ASP D 126 -1.43 7.10 16.57
C ASP D 126 -1.45 8.57 16.88
N HIS D 127 -0.48 9.01 17.65
CA HIS D 127 -0.34 10.39 18.06
C HIS D 127 -0.31 11.34 16.84
N GLY D 128 0.14 10.86 15.67
CA GLY D 128 0.28 11.81 14.53
C GLY D 128 -1.09 12.35 14.24
N CYS D 129 -2.12 11.53 14.45
CA CYS D 129 -3.49 11.83 14.10
C CYS D 129 -4.21 12.43 15.30
N THR D 130 -4.09 11.90 16.52
CA THR D 130 -4.99 12.35 17.60
C THR D 130 -4.47 13.53 18.41
N VAL D 131 -3.14 13.75 18.54
CA VAL D 131 -2.65 14.91 19.30
C VAL D 131 -3.20 16.20 18.71
N PRO D 132 -3.14 16.39 17.39
CA PRO D 132 -3.74 17.52 16.73
C PRO D 132 -5.20 17.69 17.06
N LEU D 133 -5.98 16.61 17.10
CA LEU D 133 -7.38 16.71 17.46
C LEU D 133 -7.50 17.33 18.88
N SER D 134 -6.77 16.79 19.85
CA SER D 134 -6.89 17.26 21.22
C SER D 134 -6.47 18.73 21.27
N MET D 135 -5.49 19.15 20.50
CA MET D 135 -5.06 20.55 20.56
C MET D 135 -6.08 21.49 19.94
N ILE D 136 -6.84 21.06 18.94
CA ILE D 136 -7.70 21.97 18.23
C ILE D 136 -9.13 21.91 18.80
N PHE D 137 -9.56 20.74 19.21
CA PHE D 137 -10.93 20.57 19.69
C PHE D 137 -10.99 20.35 21.19
N GLY D 138 -9.91 20.19 21.90
CA GLY D 138 -9.91 20.07 23.34
C GLY D 138 -10.20 18.68 23.83
N GLU D 139 -11.15 18.51 24.77
CA GLU D 139 -11.44 17.19 25.30
C GLU D 139 -12.94 16.92 25.30
N PRO D 140 -13.55 16.98 24.13
CA PRO D 140 -14.97 16.72 24.03
C PRO D 140 -15.21 15.24 24.36
N GLU D 141 -16.47 14.89 24.56
CA GLU D 141 -16.94 13.55 24.70
C GLU D 141 -16.87 12.76 23.41
N GLU D 142 -17.06 13.46 22.32
CA GLU D 142 -16.87 12.95 20.96
C GLU D 142 -16.28 14.04 20.10
N TRP D 143 -15.52 13.76 19.06
CA TRP D 143 -14.95 14.83 18.23
C TRP D 143 -16.11 15.51 17.51
N PRO D 144 -15.99 16.77 17.10
CA PRO D 144 -17.18 17.49 16.66
C PRO D 144 -17.37 17.35 15.18
N CYS D 145 -16.46 16.59 14.54
CA CYS D 145 -16.53 16.40 13.10
C CYS D 145 -16.10 14.98 12.69
N LYS D 146 -16.27 14.67 11.39
CA LYS D 146 -15.72 13.41 10.91
C LYS D 146 -14.26 13.57 10.52
N VAL D 147 -13.47 12.52 10.59
CA VAL D 147 -12.03 12.61 10.25
C VAL D 147 -11.64 11.45 9.33
N ILE D 148 -10.98 11.73 8.20
CA ILE D 148 -10.43 10.73 7.32
C ILE D 148 -8.92 10.73 7.48
N PRO D 149 -8.40 9.72 8.15
CA PRO D 149 -6.99 9.59 8.36
C PRO D 149 -6.32 9.25 7.01
N PHE D 150 -5.19 9.90 6.76
CA PHE D 150 -4.45 9.76 5.50
C PHE D 150 -2.97 9.61 5.81
N PRO D 151 -2.52 8.40 6.20
CA PRO D 151 -1.12 8.16 6.58
C PRO D 151 -0.17 8.21 5.37
N VAL D 152 1.02 8.73 5.56
CA VAL D 152 2.08 8.91 4.61
C VAL D 152 3.36 8.34 5.19
N ASN D 153 4.05 7.50 4.42
CA ASN D 153 5.27 6.92 4.94
C ASN D 153 6.39 7.97 4.96
N VAL D 154 6.97 8.22 6.12
CA VAL D 154 8.21 8.94 6.18
C VAL D 154 9.16 8.17 7.08
N VAL D 155 8.91 6.86 7.27
CA VAL D 155 9.84 6.20 8.20
C VAL D 155 10.96 5.43 7.51
N THR D 156 10.65 4.63 6.54
CA THR D 156 11.61 3.86 5.76
C THR D 156 11.88 4.56 4.43
N TYR D 157 13.14 4.71 4.07
CA TYR D 157 13.48 5.55 2.90
C TYR D 157 13.40 4.76 1.61
N PRO D 158 12.91 5.33 0.51
CA PRO D 158 12.58 6.74 0.51
C PRO D 158 11.12 7.04 0.82
N PRO D 159 10.85 8.26 1.33
CA PRO D 159 9.53 8.82 1.41
C PRO D 159 9.18 9.36 0.04
N PRO D 160 7.92 9.73 -0.18
CA PRO D 160 7.56 10.29 -1.44
C PRO D 160 8.26 11.65 -1.57
N SER D 161 8.30 12.21 -2.81
CA SER D 161 9.01 13.50 -2.93
C SER D 161 8.11 14.67 -2.63
N GLY D 162 8.68 15.82 -2.29
CA GLY D 162 7.91 17.05 -2.14
C GLY D 162 7.01 17.32 -3.33
N LYS D 163 7.55 17.05 -4.52
CA LYS D 163 6.68 17.30 -5.71
C LYS D 163 5.52 16.34 -5.78
N ARG D 164 5.71 15.07 -5.40
CA ARG D 164 4.57 14.13 -5.42
C ARG D 164 3.53 14.50 -4.35
N CYS D 165 4.06 14.92 -3.19
CA CYS D 165 3.13 15.40 -2.14
C CYS D 165 2.36 16.61 -2.61
N PHE D 166 3.07 17.58 -3.23
CA PHE D 166 2.38 18.83 -3.60
C PHE D 166 1.30 18.52 -4.61
N ALA D 167 1.59 17.61 -5.54
CA ALA D 167 0.57 17.23 -6.54
C ALA D 167 -0.56 16.43 -5.93
N LEU D 168 -0.26 15.57 -4.93
CA LEU D 168 -1.33 14.75 -4.35
C LEU D 168 -2.34 15.67 -3.71
N GLY D 169 -1.88 16.78 -3.10
CA GLY D 169 -2.90 17.68 -2.43
C GLY D 169 -3.86 18.34 -3.41
N ASP D 170 -3.37 18.66 -4.62
CA ASP D 170 -4.28 19.21 -5.64
C ASP D 170 -5.30 18.19 -6.13
N SER D 171 -4.96 16.93 -6.13
CA SER D 171 -5.88 15.86 -6.54
C SER D 171 -6.93 15.57 -5.49
N ILE D 172 -6.49 15.68 -4.22
CA ILE D 172 -7.48 15.50 -3.13
C ILE D 172 -8.54 16.57 -3.24
N ARG D 173 -8.08 17.81 -3.56
CA ARG D 173 -8.95 18.95 -3.64
C ARG D 173 -9.95 18.69 -4.76
N ALA D 174 -9.44 18.15 -5.87
CA ALA D 174 -10.33 17.90 -7.03
C ALA D 174 -11.29 16.77 -6.69
N ALA D 175 -10.86 15.79 -5.90
CA ALA D 175 -11.84 14.76 -5.47
C ALA D 175 -12.89 15.35 -4.54
N VAL D 176 -12.47 16.30 -3.65
CA VAL D 176 -13.44 16.89 -2.77
C VAL D 176 -14.52 17.61 -3.58
N GLU D 177 -14.05 18.39 -4.55
CA GLU D 177 -14.98 19.26 -5.29
C GLU D 177 -15.97 18.43 -6.09
N SER D 178 -15.60 17.22 -6.53
CA SER D 178 -16.53 16.43 -7.33
C SER D 178 -17.44 15.64 -6.40
N PHE D 179 -17.25 15.69 -5.10
CA PHE D 179 -18.19 14.93 -4.22
C PHE D 179 -19.54 15.62 -4.21
N PRO D 180 -20.65 14.95 -4.38
CA PRO D 180 -21.91 15.65 -4.70
C PRO D 180 -22.61 16.29 -3.53
N GLU D 181 -22.11 16.16 -2.32
CA GLU D 181 -22.67 16.84 -1.16
C GLU D 181 -21.91 18.14 -0.86
N ASP D 182 -22.64 19.11 -0.37
CA ASP D 182 -22.04 20.42 -0.10
C ASP D 182 -21.52 20.44 1.33
N LEU D 183 -20.31 20.00 1.58
CA LEU D 183 -19.72 19.76 2.88
C LEU D 183 -18.63 20.80 3.07
N ASN D 184 -18.38 21.19 4.32
CA ASN D 184 -17.22 22.03 4.57
C ASN D 184 -16.06 21.09 4.86
N VAL D 185 -15.04 20.94 3.99
CA VAL D 185 -13.93 20.00 4.25
C VAL D 185 -12.61 20.71 4.54
N HIS D 186 -11.88 20.25 5.57
CA HIS D 186 -10.56 20.77 5.89
C HIS D 186 -9.49 19.81 5.43
N VAL D 187 -8.33 20.30 4.97
CA VAL D 187 -7.19 19.38 4.91
C VAL D 187 -6.17 19.81 5.93
N TRP D 188 -5.75 18.94 6.85
CA TRP D 188 -4.79 19.27 7.88
C TRP D 188 -3.49 18.53 7.52
N GLY D 189 -2.37 19.14 7.76
CA GLY D 189 -1.09 18.43 7.64
C GLY D 189 -0.50 18.44 9.04
N THR D 190 0.02 17.30 9.53
CA THR D 190 0.55 17.45 10.88
C THR D 190 2.00 17.04 10.92
N GLY D 191 2.74 17.37 11.99
CA GLY D 191 4.14 17.00 12.11
C GLY D 191 5.02 18.26 12.11
N GLY D 192 6.30 18.05 12.24
CA GLY D 192 7.23 19.17 12.09
C GLY D 192 7.30 19.90 13.45
N MET D 193 8.09 20.92 13.54
CA MET D 193 8.92 21.39 12.44
C MET D 193 10.27 20.77 12.62
N SER D 194 11.31 21.60 12.64
CA SER D 194 12.65 21.05 12.78
C SER D 194 12.69 20.20 14.03
N HIS D 195 13.37 19.09 13.97
CA HIS D 195 13.77 18.24 15.08
C HIS D 195 14.52 16.95 14.75
N GLN D 196 15.32 16.42 15.71
CA GLN D 196 16.02 15.17 15.52
C GLN D 196 15.93 14.39 16.83
N LEU D 197 15.52 13.12 16.73
CA LEU D 197 15.18 12.36 17.93
C LEU D 197 16.30 11.37 18.18
N GLN D 198 17.31 11.35 17.30
CA GLN D 198 18.31 10.28 17.33
C GLN D 198 19.77 10.74 17.29
N GLY D 199 20.58 9.99 18.01
CA GLY D 199 22.01 10.09 17.96
C GLY D 199 22.59 11.37 18.53
N PRO D 200 23.89 11.54 18.29
CA PRO D 200 24.63 12.65 18.86
C PRO D 200 24.09 14.01 18.48
N ARG D 201 23.49 14.11 17.31
CA ARG D 201 22.92 15.39 16.86
C ARG D 201 21.48 15.61 17.34
N ALA D 202 20.90 14.76 18.14
CA ALA D 202 19.54 15.06 18.70
C ALA D 202 19.45 16.42 19.36
N GLY D 203 18.26 17.05 19.32
CA GLY D 203 18.09 18.37 19.90
C GLY D 203 18.24 19.49 18.88
N LEU D 204 18.62 19.13 17.65
CA LEU D 204 18.77 20.09 16.57
C LEU D 204 17.49 20.90 16.37
N ILE D 205 17.66 22.24 16.35
CA ILE D 205 16.51 23.07 16.00
C ILE D 205 17.03 24.08 14.96
N ASN D 206 16.20 24.51 14.02
CA ASN D 206 16.69 25.42 13.00
C ASN D 206 15.57 26.37 12.64
N LYS D 207 15.53 27.45 13.42
CA LYS D 207 14.42 28.41 13.29
C LYS D 207 14.51 29.11 11.94
N GLU D 208 15.71 29.22 11.40
CA GLU D 208 15.82 29.93 10.08
C GLU D 208 15.13 29.10 8.99
N PHE D 209 15.45 27.77 8.99
CA PHE D 209 14.75 26.87 8.06
C PHE D 209 13.26 26.91 8.29
N ASP D 210 12.82 26.89 9.56
CA ASP D 210 11.38 26.71 9.82
C ASP D 210 10.59 27.90 9.34
N LEU D 211 11.09 29.07 9.71
CA LEU D 211 10.39 30.33 9.37
C LEU D 211 10.44 30.56 7.87
N ASN D 212 11.55 30.18 7.24
CA ASN D 212 11.57 30.21 5.79
C ASN D 212 10.55 29.27 5.15
N PHE D 213 10.43 28.07 5.75
CA PHE D 213 9.46 27.12 5.26
C PHE D 213 8.07 27.68 5.31
N ILE D 214 7.68 28.28 6.44
CA ILE D 214 6.35 28.87 6.53
C ILE D 214 6.12 29.94 5.45
N ASP D 215 7.06 30.89 5.31
CA ASP D 215 6.98 31.93 4.29
C ASP D 215 6.71 31.44 2.87
N LYS D 216 7.50 30.49 2.41
CA LYS D 216 7.38 29.93 1.07
C LYS D 216 6.17 29.04 0.93
N LEU D 217 5.70 28.42 2.03
CA LEU D 217 4.56 27.51 1.81
C LEU D 217 3.38 28.39 1.40
N ILE D 218 3.32 29.54 2.09
CA ILE D 218 2.22 30.49 1.81
C ILE D 218 2.32 31.07 0.40
N SER D 219 3.53 31.52 0.07
CA SER D 219 3.68 32.34 -1.12
C SER D 219 4.35 31.62 -2.26
N ASP D 220 5.30 30.72 -2.12
CA ASP D 220 5.68 29.97 -3.35
C ASP D 220 5.83 28.48 -3.18
N PRO D 221 4.74 27.76 -3.04
CA PRO D 221 4.72 26.34 -2.71
C PRO D 221 5.34 25.48 -3.80
N GLU D 222 5.09 25.89 -5.03
CA GLU D 222 5.75 25.25 -6.18
C GLU D 222 7.25 25.20 -6.03
N GLU D 223 7.94 26.28 -5.69
CA GLU D 223 9.41 26.22 -5.55
C GLU D 223 9.73 25.34 -4.35
N LEU D 224 8.84 25.38 -3.35
CA LEU D 224 9.27 24.69 -2.10
C LEU D 224 9.18 23.18 -2.30
N SER D 225 8.24 22.79 -3.15
CA SER D 225 8.01 21.37 -3.45
C SER D 225 9.22 20.80 -4.15
N LYS D 226 10.17 21.61 -4.61
CA LYS D 226 11.34 21.09 -5.28
C LYS D 226 12.47 20.77 -4.33
N MET D 227 12.38 21.20 -3.09
CA MET D 227 13.51 20.96 -2.19
C MET D 227 13.63 19.46 -2.01
N PRO D 228 14.83 18.92 -2.14
CA PRO D 228 15.05 17.47 -2.09
C PRO D 228 15.13 16.96 -0.66
N HIS D 229 14.88 15.67 -0.42
CA HIS D 229 14.97 15.11 0.92
C HIS D 229 16.23 15.51 1.67
N ILE D 230 17.41 15.41 1.03
CA ILE D 230 18.65 15.68 1.77
C ILE D 230 18.65 17.04 2.45
N GLN D 231 17.97 18.03 1.84
CA GLN D 231 18.01 19.36 2.43
C GLN D 231 17.21 19.45 3.73
N TYR D 232 15.99 18.88 3.74
CA TYR D 232 15.28 18.73 5.00
C TYR D 232 16.15 18.02 6.05
N LEU D 233 16.78 16.92 5.69
CA LEU D 233 17.51 16.14 6.70
C LEU D 233 18.72 16.93 7.23
N ARG D 234 19.46 17.59 6.34
CA ARG D 234 20.60 18.39 6.75
C ARG D 234 20.26 19.57 7.67
N GLU D 235 19.34 20.35 7.23
CA GLU D 235 18.99 21.62 7.86
C GLU D 235 17.93 21.47 8.98
N SER D 236 16.97 20.51 8.87
CA SER D 236 15.88 20.52 9.83
C SER D 236 15.92 19.26 10.70
N GLY D 237 17.01 18.51 10.67
CA GLY D 237 17.11 17.29 11.46
C GLY D 237 16.49 16.09 10.71
N SER D 238 16.82 14.90 11.12
CA SER D 238 16.33 13.65 10.56
C SER D 238 14.83 13.55 10.72
N GLU D 239 14.23 14.11 11.76
CA GLU D 239 12.77 14.07 11.80
C GLU D 239 12.08 15.22 11.17
N GLY D 240 12.87 16.23 10.68
CA GLY D 240 12.20 17.38 10.06
C GLY D 240 11.61 16.99 8.73
N VAL D 241 11.84 15.74 8.27
CA VAL D 241 11.21 15.29 7.04
C VAL D 241 9.69 15.24 7.12
N GLU D 242 9.16 15.23 8.37
CA GLU D 242 7.70 15.35 8.47
C GLU D 242 7.08 16.55 7.78
N LEU D 243 7.79 17.65 7.65
CA LEU D 243 7.27 18.80 6.93
C LEU D 243 6.79 18.51 5.53
N VAL D 244 7.26 17.43 4.82
CA VAL D 244 6.65 17.23 3.51
C VAL D 244 5.15 17.09 3.56
N MET D 245 4.55 16.61 4.64
CA MET D 245 3.10 16.65 4.73
C MET D 245 2.40 17.96 4.65
N TRP D 246 3.12 19.02 5.13
CA TRP D 246 2.53 20.35 4.96
C TRP D 246 2.38 20.66 3.46
N LEU D 247 3.15 20.09 2.55
CA LEU D 247 2.89 20.31 1.13
C LEU D 247 1.63 19.64 0.63
N ILE D 248 1.16 18.61 1.36
CA ILE D 248 -0.08 17.95 0.88
C ILE D 248 -1.22 18.89 1.19
N MET D 249 -1.18 19.47 2.37
CA MET D 249 -2.22 20.40 2.79
C MET D 249 -2.24 21.57 1.80
N ARG D 250 -1.02 22.00 1.43
CA ARG D 250 -0.89 23.30 0.76
C ARG D 250 -1.34 23.17 -0.71
N GLY D 251 -1.05 21.98 -1.27
CA GLY D 251 -1.51 21.68 -2.62
C GLY D 251 -3.02 21.55 -2.68
N ALA D 252 -3.72 21.38 -1.55
CA ALA D 252 -5.18 21.35 -1.68
C ALA D 252 -5.81 22.72 -1.67
N LEU D 253 -5.05 23.79 -1.57
CA LEU D 253 -5.54 25.14 -1.71
C LEU D 253 -5.03 25.82 -3.00
N PRO D 254 -5.73 26.84 -3.45
CA PRO D 254 -5.33 27.58 -4.64
C PRO D 254 -4.03 28.35 -4.46
N GLU D 255 -3.60 28.95 -5.57
CA GLU D 255 -2.37 29.73 -5.67
C GLU D 255 -2.38 30.81 -4.60
N LYS D 256 -3.52 31.45 -4.44
CA LYS D 256 -3.67 32.64 -3.61
C LYS D 256 -4.42 32.27 -2.34
N VAL D 257 -3.67 32.29 -1.24
CA VAL D 257 -4.25 31.99 0.05
C VAL D 257 -3.98 33.15 1.00
N ARG D 258 -4.70 33.12 2.12
CA ARG D 258 -4.51 34.15 3.14
C ARG D 258 -4.16 33.49 4.46
N ASP D 259 -3.01 33.69 5.06
CA ASP D 259 -2.76 33.19 6.41
C ASP D 259 -3.59 33.87 7.49
N LEU D 260 -4.52 33.18 8.12
CA LEU D 260 -5.36 33.73 9.14
C LEU D 260 -4.56 33.82 10.44
N TYR D 261 -3.66 32.89 10.71
CA TYR D 261 -3.08 32.76 12.05
C TYR D 261 -1.79 31.95 11.97
N THR D 262 -0.71 32.34 12.66
CA THR D 262 0.48 31.49 12.53
C THR D 262 1.02 31.37 13.94
N PHE D 263 1.42 30.24 14.47
CA PHE D 263 2.02 30.16 15.80
C PHE D 263 3.35 29.43 15.60
N TYR D 264 4.43 29.87 16.26
CA TYR D 264 5.65 29.07 16.27
C TYR D 264 6.28 29.24 17.64
N HIS D 265 6.88 28.20 18.19
CA HIS D 265 7.26 28.14 19.58
C HIS D 265 8.40 27.12 19.73
N ILE D 266 9.43 27.49 20.45
CA ILE D 266 10.55 26.64 20.79
C ILE D 266 10.75 26.76 22.31
N PRO D 267 10.92 25.64 23.00
CA PRO D 267 10.79 24.32 22.43
C PRO D 267 9.48 23.65 22.80
N ALA D 268 9.20 22.48 22.22
CA ALA D 268 8.07 21.68 22.68
C ALA D 268 8.61 20.28 22.63
N SER D 269 9.02 19.78 23.82
CA SER D 269 9.79 18.55 23.93
C SER D 269 11.08 18.68 23.15
N ASN D 270 11.22 18.02 21.97
CA ASN D 270 12.49 18.01 21.25
C ASN D 270 12.38 18.92 20.01
N THR D 271 11.22 19.52 19.86
CA THR D 271 10.95 20.05 18.54
C THR D 271 10.52 21.48 18.53
N ALA D 272 10.64 22.09 17.36
CA ALA D 272 10.11 23.44 17.16
C ALA D 272 8.68 23.35 16.71
N LEU D 273 7.75 23.82 17.55
CA LEU D 273 6.33 23.65 17.30
C LEU D 273 5.85 24.70 16.31
N GLY D 274 5.09 24.29 15.30
CA GLY D 274 4.43 25.26 14.46
C GLY D 274 2.98 24.95 14.26
N ALA D 275 2.17 25.93 13.91
CA ALA D 275 0.77 25.69 13.66
C ALA D 275 0.26 26.83 12.77
N MET D 276 -0.74 26.58 11.89
CA MET D 276 -1.21 27.69 11.08
C MET D 276 -2.58 27.41 10.51
N ILE D 277 -3.22 28.47 9.98
CA ILE D 277 -4.52 28.34 9.34
C ILE D 277 -4.42 29.16 8.06
N LEU D 278 -4.83 28.58 6.95
CA LEU D 278 -4.76 29.23 5.63
C LEU D 278 -6.12 29.10 4.98
N GLN D 279 -6.65 30.07 4.28
CA GLN D 279 -7.81 29.85 3.43
C GLN D 279 -7.59 30.42 2.04
N PRO D 280 -8.21 29.86 1.01
CA PRO D 280 -8.22 30.52 -0.29
C PRO D 280 -8.44 32.01 -0.12
N GLU D 281 -7.60 32.83 -0.72
CA GLU D 281 -7.79 34.28 -0.77
C GLU D 281 -9.24 34.71 -0.98
N GLU D 282 -9.87 34.08 -1.97
CA GLU D 282 -11.13 34.48 -2.53
C GLU D 282 -12.25 34.35 -1.51
N THR D 283 -12.06 33.54 -0.48
CA THR D 283 -13.20 33.21 0.36
C THR D 283 -12.73 33.37 1.80
N ALA D 284 -11.49 33.69 2.05
CA ALA D 284 -10.91 33.82 3.37
C ALA D 284 -11.66 34.77 4.31
N GLY D 285 -11.64 34.43 5.59
CA GLY D 285 -12.24 35.27 6.62
C GLY D 285 -11.17 36.28 7.07
N THR D 286 -11.45 36.95 8.18
CA THR D 286 -10.54 37.99 8.67
C THR D 286 -9.38 37.33 9.40
N PRO D 287 -8.18 37.85 9.26
CA PRO D 287 -7.07 37.22 9.96
C PRO D 287 -7.26 37.36 11.46
N LEU D 288 -6.72 36.46 12.27
CA LEU D 288 -6.84 36.59 13.71
C LEU D 288 -5.98 37.76 14.16
N GLU D 289 -6.01 38.05 15.45
CA GLU D 289 -5.21 39.17 16.00
C GLU D 289 -4.75 38.80 17.39
N PRO D 290 -3.46 38.76 17.66
CA PRO D 290 -2.49 38.86 16.59
C PRO D 290 -2.60 37.71 15.59
N ARG D 291 -2.16 38.06 14.41
CA ARG D 291 -2.14 37.21 13.23
C ARG D 291 -0.93 36.26 13.29
N LYS D 292 0.11 36.63 13.99
CA LYS D 292 1.37 35.88 13.94
C LYS D 292 1.94 35.91 15.34
N VAL D 293 2.28 34.81 15.97
CA VAL D 293 2.85 34.83 17.31
C VAL D 293 4.06 33.91 17.36
N MET D 294 5.22 34.38 17.79
CA MET D 294 6.42 33.57 17.97
C MET D 294 6.87 33.47 19.43
N SER D 295 6.97 32.31 20.06
CA SER D 295 7.29 32.20 21.45
C SER D 295 8.54 31.37 21.76
N GLY D 296 8.89 31.47 23.04
CA GLY D 296 10.08 30.83 23.55
C GLY D 296 11.12 31.82 24.01
N HIS D 297 11.93 31.34 24.94
CA HIS D 297 12.95 32.09 25.65
C HIS D 297 13.93 32.65 24.63
N SER D 298 14.07 31.98 23.50
CA SER D 298 15.02 32.43 22.47
C SER D 298 14.30 33.06 21.28
N LEU D 299 12.99 33.27 21.40
CA LEU D 299 12.27 33.90 20.30
C LEU D 299 11.79 35.29 20.72
#